data_1NMT
#
_entry.id   1NMT
#
_cell.length_a   132.000
_cell.length_b   166.500
_cell.length_c   179.400
_cell.angle_alpha   90.00
_cell.angle_beta   90.00
_cell.angle_gamma   90.00
#
_symmetry.space_group_name_H-M   'C 2 2 21'
#
loop_
_entity.id
_entity.type
_entity.pdbx_description
1 polymer 'N-MYRISTOYL TRANSFERASE'
2 non-polymer GLYCEROL
3 water water
#
_entity_poly.entity_id   1
_entity_poly.type   'polypeptide(L)'
_entity_poly.pdbx_seq_one_letter_code
;EGPIDKLKTPEDVPNDPLPLISDFEWSTLDIDDNLQLDELYKLLYDNYVEDIDATFRFKYSHEFFQWALKPPGWRKDWHV
GVRVKSTGKLVAFIAATPVTFKLNKSNKVIDSVEINFLCIHKKLRNKRLAPVLIKEITRRVNKQNIWQALYTGGSILPTP
LTTCRYQHRPINWSKLHDVGFSHLPPNQTKSSMVASYTLPNNPKLKGLRPMTGKDVSTVLSLLYKYQERFDIVQLFTEEE
FKHWMLGHDENSDSNVVKSYVVEDENGIITDYFSYYLLPFTVLDNAQHDELGIAYLFYYASDSFEKPNYKKRLNELITDA
LITSKKFGVDVFNCLTCQDNTYFLKDCKFGSGDGFLNYYLFNYRTFPMDGGIDKKTKEVVEDQTSGIGVVLL
;
_entity_poly.pdbx_strand_id   A,B,C
#
loop_
_chem_comp.id
_chem_comp.type
_chem_comp.name
_chem_comp.formula
GOL non-polymer GLYCEROL 'C3 H8 O3'
#
# COMPACT_ATOMS: atom_id res chain seq x y z
N GLU A 1 10.81 -25.83 -9.18
CA GLU A 1 12.02 -25.76 -8.30
C GLU A 1 13.10 -24.89 -8.91
N GLY A 2 13.63 -23.94 -8.14
CA GLY A 2 14.67 -23.06 -8.66
C GLY A 2 14.56 -21.62 -8.17
N PRO A 3 15.45 -20.73 -8.63
CA PRO A 3 15.39 -19.33 -8.20
C PRO A 3 14.02 -18.73 -8.47
N ILE A 4 13.72 -17.64 -7.78
CA ILE A 4 12.43 -16.99 -7.98
C ILE A 4 12.52 -15.70 -8.80
N ASP A 5 13.44 -14.81 -8.44
CA ASP A 5 13.61 -13.55 -9.15
C ASP A 5 14.22 -13.73 -10.54
N LYS A 6 13.86 -12.82 -11.44
CA LYS A 6 14.31 -12.84 -12.83
C LYS A 6 15.81 -12.93 -13.08
N LEU A 7 16.63 -12.74 -12.06
CA LEU A 7 18.08 -12.84 -12.22
C LEU A 7 18.70 -11.60 -12.83
N LYS A 8 19.57 -10.93 -12.05
CA LYS A 8 20.24 -9.74 -12.53
C LYS A 8 21.71 -9.86 -12.20
N THR A 9 22.46 -8.81 -12.46
CA THR A 9 23.89 -8.81 -12.19
C THR A 9 24.22 -7.87 -11.04
N PRO A 10 25.41 -8.02 -10.44
CA PRO A 10 25.76 -7.12 -9.33
C PRO A 10 25.54 -5.68 -9.76
N GLU A 11 25.73 -5.46 -11.05
CA GLU A 11 25.56 -4.15 -11.65
C GLU A 11 24.16 -3.56 -11.43
N ASP A 12 23.14 -4.40 -11.54
CA ASP A 12 21.76 -3.98 -11.36
C ASP A 12 21.40 -3.75 -9.89
N VAL A 13 22.37 -3.91 -9.01
CA VAL A 13 22.13 -3.73 -7.59
C VAL A 13 22.55 -2.32 -7.12
N PRO A 14 21.67 -1.66 -6.36
CA PRO A 14 21.96 -0.30 -5.85
C PRO A 14 23.33 -0.25 -5.15
N ASN A 15 24.15 0.73 -5.51
CA ASN A 15 25.48 0.85 -4.93
C ASN A 15 25.54 1.39 -3.51
N ASP A 16 24.48 2.04 -3.07
CA ASP A 16 24.50 2.58 -1.71
C ASP A 16 23.43 2.05 -0.77
N PRO A 17 23.76 2.01 0.52
CA PRO A 17 22.83 1.54 1.54
C PRO A 17 21.50 2.20 1.44
N LEU A 18 20.49 1.43 1.83
CA LEU A 18 19.13 1.88 1.82
C LEU A 18 18.97 3.06 2.75
N PRO A 19 17.95 3.88 2.48
CA PRO A 19 17.70 5.05 3.32
C PRO A 19 17.22 4.60 4.70
N LEU A 20 17.46 5.42 5.71
CA LEU A 20 16.99 5.08 7.04
C LEU A 20 16.23 6.25 7.61
N ILE A 21 15.36 5.96 8.57
CA ILE A 21 14.63 7.01 9.29
C ILE A 21 15.82 7.93 9.67
N SER A 22 15.65 9.24 9.49
CA SER A 22 16.76 10.19 9.76
C SER A 22 17.48 10.08 11.11
N ASP A 23 16.83 9.49 12.11
CA ASP A 23 17.45 9.34 13.44
C ASP A 23 18.62 8.35 13.45
N PHE A 24 18.67 7.48 12.44
CA PHE A 24 19.69 6.45 12.42
C PHE A 24 20.59 6.47 11.23
N GLU A 25 21.66 5.69 11.33
CA GLU A 25 22.62 5.53 10.25
C GLU A 25 23.27 4.13 10.22
N TRP A 26 23.58 3.69 9.01
CA TRP A 26 24.23 2.40 8.84
C TRP A 26 25.64 2.50 9.38
N SER A 27 26.11 1.44 10.01
CA SER A 27 27.46 1.45 10.57
C SER A 27 28.08 0.07 10.49
N THR A 28 28.90 -0.15 9.47
CA THR A 28 29.56 -1.44 9.31
C THR A 28 30.41 -1.76 10.55
N LEU A 29 30.17 -2.90 11.19
CA LEU A 29 30.92 -3.27 12.37
C LEU A 29 32.25 -3.94 12.02
N ASP A 30 33.24 -3.74 12.87
CA ASP A 30 34.54 -4.37 12.67
C ASP A 30 34.74 -5.19 13.94
N ILE A 31 34.39 -6.46 13.89
CA ILE A 31 34.49 -7.27 15.10
C ILE A 31 35.93 -7.53 15.55
N ASP A 32 36.91 -7.17 14.72
CA ASP A 32 38.30 -7.33 15.13
C ASP A 32 38.71 -6.20 16.09
N ASP A 33 37.83 -5.21 16.24
CA ASP A 33 38.08 -4.11 17.16
C ASP A 33 37.25 -4.54 18.35
N ASN A 34 37.93 -4.96 19.41
CA ASN A 34 37.27 -5.42 20.63
C ASN A 34 36.24 -4.45 21.22
N LEU A 35 36.39 -3.16 20.96
CA LEU A 35 35.44 -2.19 21.48
C LEU A 35 34.09 -2.41 20.76
N GLN A 36 34.16 -2.57 19.44
CA GLN A 36 32.97 -2.79 18.63
C GLN A 36 32.32 -4.14 18.96
N LEU A 37 33.15 -5.17 19.11
CA LEU A 37 32.65 -6.49 19.47
C LEU A 37 31.96 -6.38 20.81
N ASP A 38 32.49 -5.54 21.69
CA ASP A 38 31.86 -5.37 23.00
C ASP A 38 30.48 -4.75 22.81
N GLU A 39 30.37 -3.84 21.85
CA GLU A 39 29.11 -3.19 21.59
C GLU A 39 28.11 -4.27 21.14
N LEU A 40 28.52 -5.09 20.18
CA LEU A 40 27.65 -6.15 19.68
C LEU A 40 27.21 -7.08 20.80
N TYR A 41 28.15 -7.45 21.65
CA TYR A 41 27.79 -8.32 22.75
C TYR A 41 26.70 -7.72 23.62
N LYS A 42 26.84 -6.43 23.94
CA LYS A 42 25.86 -5.77 24.79
C LYS A 42 24.49 -5.67 24.13
N LEU A 43 24.46 -5.28 22.86
CA LEU A 43 23.21 -5.18 22.13
C LEU A 43 22.49 -6.51 22.18
N LEU A 44 23.23 -7.61 21.94
CA LEU A 44 22.63 -8.95 21.95
C LEU A 44 22.11 -9.35 23.31
N TYR A 45 22.97 -9.17 24.31
CA TYR A 45 22.68 -9.52 25.68
C TYR A 45 21.36 -8.95 26.18
N ASP A 46 21.12 -7.69 25.84
CA ASP A 46 19.92 -6.98 26.25
C ASP A 46 18.70 -7.21 25.37
N ASN A 47 18.91 -7.29 24.07
CA ASN A 47 17.81 -7.39 23.12
C ASN A 47 17.58 -8.62 22.27
N TYR A 48 18.49 -9.59 22.33
CA TYR A 48 18.33 -10.81 21.55
C TYR A 48 17.86 -11.88 22.52
N VAL A 49 16.60 -11.74 22.94
CA VAL A 49 15.98 -12.63 23.91
C VAL A 49 14.67 -13.20 23.40
N GLU A 50 14.58 -13.42 22.09
CA GLU A 50 13.37 -13.95 21.47
C GLU A 50 13.24 -15.48 21.55
N ASP A 51 12.10 -15.92 22.07
CA ASP A 51 11.76 -17.34 22.23
C ASP A 51 12.43 -18.04 23.40
N ILE A 52 13.03 -17.28 24.31
CA ILE A 52 13.68 -17.86 25.48
C ILE A 52 13.09 -17.23 26.74
N ASP A 53 13.36 -17.84 27.88
CA ASP A 53 12.89 -17.33 29.15
C ASP A 53 13.43 -15.92 29.42
N ALA A 54 12.70 -15.13 30.20
CA ALA A 54 13.13 -13.79 30.56
C ALA A 54 14.37 -13.85 31.46
N THR A 55 14.48 -14.90 32.27
CA THR A 55 15.62 -15.08 33.16
C THR A 55 16.90 -15.63 32.51
N PHE A 56 16.86 -15.88 31.21
CA PHE A 56 18.04 -16.39 30.51
C PHE A 56 18.60 -15.42 29.48
N ARG A 57 19.90 -15.46 29.29
CA ARG A 57 20.54 -14.61 28.29
C ARG A 57 21.62 -15.42 27.63
N PHE A 58 21.77 -15.24 26.32
CA PHE A 58 22.83 -15.96 25.63
C PHE A 58 24.17 -15.46 26.12
N LYS A 59 25.03 -16.38 26.53
CA LYS A 59 26.36 -16.03 26.99
C LYS A 59 27.37 -16.27 25.86
N TYR A 60 27.70 -15.21 25.14
CA TYR A 60 28.65 -15.27 24.02
C TYR A 60 30.06 -14.89 24.44
N SER A 61 31.04 -15.76 24.19
CA SER A 61 32.42 -15.47 24.56
C SER A 61 33.11 -14.98 23.32
N HIS A 62 34.34 -14.51 23.47
CA HIS A 62 35.09 -14.03 22.32
C HIS A 62 35.33 -15.25 21.43
N GLU A 63 35.67 -16.38 22.05
CA GLU A 63 35.93 -17.60 21.28
C GLU A 63 34.73 -18.01 20.45
N PHE A 64 33.54 -17.91 21.03
CA PHE A 64 32.32 -18.27 20.30
C PHE A 64 32.13 -17.40 19.05
N PHE A 65 32.43 -16.11 19.17
CA PHE A 65 32.29 -15.21 18.02
C PHE A 65 33.30 -15.52 16.90
N GLN A 66 34.55 -15.86 17.27
CA GLN A 66 35.56 -16.17 16.25
C GLN A 66 35.03 -17.32 15.40
N TRP A 67 34.52 -18.35 16.08
CA TRP A 67 34.00 -19.54 15.43
C TRP A 67 32.77 -19.26 14.58
N ALA A 68 31.80 -18.55 15.16
CA ALA A 68 30.55 -18.26 14.46
C ALA A 68 30.64 -17.29 13.31
N LEU A 69 31.47 -16.26 13.45
CA LEU A 69 31.51 -15.26 12.39
C LEU A 69 32.72 -15.21 11.51
N LYS A 70 33.82 -15.87 11.88
CA LYS A 70 35.03 -15.79 11.07
C LYS A 70 35.49 -17.07 10.32
N PRO A 71 34.55 -17.77 9.66
CA PRO A 71 34.98 -18.97 8.94
C PRO A 71 35.71 -18.44 7.71
N PRO A 72 36.41 -19.31 6.98
CA PRO A 72 37.14 -18.84 5.79
C PRO A 72 36.21 -18.07 4.86
N GLY A 73 36.64 -16.91 4.37
CA GLY A 73 35.78 -16.17 3.46
C GLY A 73 34.83 -15.15 4.08
N TRP A 74 34.82 -15.05 5.40
CA TRP A 74 33.96 -14.08 6.07
C TRP A 74 34.32 -12.66 5.60
N ARG A 75 33.34 -11.75 5.63
CA ARG A 75 33.53 -10.34 5.21
C ARG A 75 33.07 -9.33 6.25
N LYS A 76 33.92 -8.37 6.60
CA LYS A 76 33.54 -7.37 7.59
C LYS A 76 32.33 -6.60 7.09
N ASP A 77 32.33 -6.34 5.79
CA ASP A 77 31.26 -5.62 5.12
C ASP A 77 29.90 -6.26 5.32
N TRP A 78 29.86 -7.50 5.82
CA TRP A 78 28.59 -8.21 6.03
C TRP A 78 28.19 -8.27 7.50
N HIS A 79 28.82 -7.41 8.29
CA HIS A 79 28.52 -7.30 9.70
C HIS A 79 27.91 -5.90 9.79
N VAL A 80 26.62 -5.82 9.46
CA VAL A 80 25.88 -4.57 9.40
C VAL A 80 25.16 -4.10 10.65
N GLY A 81 25.65 -2.98 11.22
CA GLY A 81 25.03 -2.42 12.42
C GLY A 81 24.26 -1.14 12.10
N VAL A 82 23.46 -0.66 13.06
CA VAL A 82 22.71 0.57 12.88
C VAL A 82 22.96 1.33 14.16
N ARG A 83 23.26 2.62 14.03
CA ARG A 83 23.53 3.46 15.19
C ARG A 83 22.57 4.63 15.25
N VAL A 84 22.14 4.97 16.47
CA VAL A 84 21.27 6.12 16.62
C VAL A 84 22.25 7.32 16.53
N LYS A 85 22.00 8.24 15.59
CA LYS A 85 22.88 9.39 15.39
C LYS A 85 23.12 10.24 16.64
N SER A 86 22.06 10.47 17.42
CA SER A 86 22.19 11.30 18.61
C SER A 86 23.39 10.93 19.49
N THR A 87 23.49 9.67 19.89
CA THR A 87 24.59 9.25 20.77
C THR A 87 25.59 8.30 20.14
N GLY A 88 25.28 7.78 18.95
CA GLY A 88 26.18 6.82 18.33
C GLY A 88 26.05 5.41 18.89
N LYS A 89 25.08 5.18 19.78
CA LYS A 89 24.84 3.87 20.38
C LYS A 89 24.34 2.89 19.30
N LEU A 90 24.84 1.64 19.38
CA LEU A 90 24.44 0.53 18.49
C LEU A 90 23.02 0.09 18.86
N VAL A 91 22.10 0.12 17.90
CA VAL A 91 20.71 -0.26 18.20
C VAL A 91 20.16 -1.41 17.38
N ALA A 92 20.90 -1.85 16.38
CA ALA A 92 20.45 -2.99 15.59
C ALA A 92 21.61 -3.63 14.85
N PHE A 93 21.47 -4.90 14.50
CA PHE A 93 22.54 -5.61 13.80
C PHE A 93 22.01 -6.78 12.96
N ILE A 94 22.74 -7.13 11.91
CA ILE A 94 22.39 -8.27 11.09
C ILE A 94 23.67 -8.76 10.38
N ALA A 95 23.85 -10.06 10.25
CA ALA A 95 25.05 -10.56 9.59
C ALA A 95 24.75 -11.55 8.51
N ALA A 96 25.72 -11.71 7.62
CA ALA A 96 25.63 -12.68 6.56
C ALA A 96 26.98 -13.40 6.57
N THR A 97 26.93 -14.72 6.50
CA THR A 97 28.12 -15.55 6.48
C THR A 97 28.04 -16.47 5.27
N PRO A 98 29.17 -16.67 4.58
CA PRO A 98 29.15 -17.55 3.42
C PRO A 98 28.89 -19.01 3.80
N VAL A 99 28.09 -19.68 2.96
CA VAL A 99 27.78 -21.10 3.17
C VAL A 99 27.36 -21.71 1.82
N THR A 100 27.73 -22.96 1.56
CA THR A 100 27.35 -23.62 0.31
C THR A 100 26.35 -24.75 0.59
N PHE A 101 25.23 -24.73 -0.11
CA PHE A 101 24.18 -25.73 0.07
C PHE A 101 24.05 -26.59 -1.18
N LYS A 102 23.49 -27.77 -1.00
CA LYS A 102 23.24 -28.65 -2.11
C LYS A 102 21.86 -29.21 -1.92
N LEU A 103 21.10 -29.21 -3.01
CA LEU A 103 19.75 -29.74 -3.01
C LEU A 103 19.89 -31.11 -3.66
N ASN A 104 19.91 -32.14 -2.84
CA ASN A 104 20.09 -33.51 -3.28
C ASN A 104 19.12 -34.04 -4.35
N LYS A 105 17.83 -33.77 -4.22
CA LYS A 105 16.88 -34.24 -5.23
C LYS A 105 17.18 -33.70 -6.64
N SER A 106 17.43 -32.39 -6.76
CA SER A 106 17.70 -31.79 -8.07
C SER A 106 19.20 -31.70 -8.35
N ASN A 107 20.00 -32.15 -7.39
CA ASN A 107 21.45 -32.11 -7.53
C ASN A 107 21.99 -30.72 -7.86
N LYS A 108 21.42 -29.70 -7.25
CA LYS A 108 21.85 -28.33 -7.47
C LYS A 108 22.71 -27.86 -6.31
N VAL A 109 23.84 -27.25 -6.64
CA VAL A 109 24.75 -26.73 -5.63
C VAL A 109 24.55 -25.21 -5.67
N ILE A 110 24.47 -24.56 -4.52
CA ILE A 110 24.28 -23.11 -4.52
C ILE A 110 25.12 -22.39 -3.50
N ASP A 111 25.98 -21.49 -3.98
CA ASP A 111 26.81 -20.72 -3.09
C ASP A 111 25.84 -19.66 -2.56
N SER A 112 25.72 -19.63 -1.25
CA SER A 112 24.81 -18.68 -0.64
C SER A 112 25.38 -18.08 0.59
N VAL A 113 24.47 -17.70 1.47
CA VAL A 113 24.88 -17.07 2.69
C VAL A 113 23.86 -17.39 3.80
N GLU A 114 24.28 -17.40 5.05
CA GLU A 114 23.34 -17.63 6.13
C GLU A 114 23.18 -16.25 6.79
N ILE A 115 21.93 -15.83 6.95
CA ILE A 115 21.63 -14.54 7.57
C ILE A 115 21.25 -14.80 9.02
N ASN A 116 22.01 -14.23 9.97
CA ASN A 116 21.71 -14.45 11.37
C ASN A 116 22.11 -13.26 12.26
N PHE A 117 21.98 -13.43 13.57
CA PHE A 117 22.25 -12.39 14.55
C PHE A 117 21.45 -11.11 14.25
N LEU A 118 20.22 -11.28 13.77
CA LEU A 118 19.33 -10.17 13.45
C LEU A 118 18.85 -9.72 14.83
N CYS A 119 19.33 -8.56 15.26
CA CYS A 119 18.96 -8.06 16.57
C CYS A 119 18.50 -6.60 16.52
N ILE A 120 17.43 -6.30 17.24
CA ILE A 120 16.89 -4.95 17.25
C ILE A 120 16.65 -4.56 18.72
N HIS A 121 17.04 -3.34 19.07
CA HIS A 121 16.85 -2.84 20.43
C HIS A 121 15.36 -2.91 20.81
N LYS A 122 15.06 -3.38 22.02
CA LYS A 122 13.68 -3.56 22.46
C LYS A 122 12.81 -2.33 22.26
N LYS A 123 13.41 -1.15 22.35
CA LYS A 123 12.64 0.07 22.22
C LYS A 123 12.37 0.45 20.80
N LEU A 124 12.90 -0.27 19.84
CA LEU A 124 12.65 0.03 18.44
C LEU A 124 11.85 -1.06 17.73
N ARG A 125 11.24 -1.95 18.51
CA ARG A 125 10.45 -3.05 17.95
C ARG A 125 9.32 -2.51 17.10
N ASN A 126 9.01 -1.24 17.31
CA ASN A 126 7.93 -0.59 16.60
C ASN A 126 8.41 0.32 15.46
N LYS A 127 9.69 0.20 15.07
CA LYS A 127 10.18 1.03 13.97
C LYS A 127 10.17 0.16 12.70
N ARG A 128 9.91 -1.14 12.87
CA ARG A 128 9.82 -2.10 11.76
C ARG A 128 11.09 -2.13 10.95
N LEU A 129 12.17 -2.41 11.65
CA LEU A 129 13.50 -2.47 11.08
C LEU A 129 13.94 -3.78 10.46
N ALA A 130 13.45 -4.93 10.95
CA ALA A 130 13.88 -6.22 10.41
C ALA A 130 13.88 -6.23 8.87
N PRO A 131 12.71 -5.99 8.24
CA PRO A 131 12.73 -6.00 6.77
C PRO A 131 13.81 -5.14 6.15
N VAL A 132 14.14 -4.04 6.81
CA VAL A 132 15.15 -3.11 6.30
C VAL A 132 16.58 -3.66 6.44
N LEU A 133 16.79 -4.38 7.55
CA LEU A 133 18.06 -5.02 7.82
C LEU A 133 18.29 -6.11 6.76
N ILE A 134 17.24 -6.88 6.48
CA ILE A 134 17.34 -7.98 5.53
C ILE A 134 17.63 -7.45 4.13
N LYS A 135 16.90 -6.42 3.75
CA LYS A 135 17.06 -5.82 2.44
C LYS A 135 18.46 -5.29 2.22
N GLU A 136 19.01 -4.67 3.25
CA GLU A 136 20.35 -4.10 3.18
C GLU A 136 21.46 -5.16 3.20
N ILE A 137 21.32 -6.21 4.02
CA ILE A 137 22.35 -7.25 4.01
C ILE A 137 22.24 -7.97 2.66
N THR A 138 21.00 -8.15 2.16
CA THR A 138 20.77 -8.83 0.89
C THR A 138 21.37 -8.04 -0.28
N ARG A 139 21.39 -6.72 -0.13
CA ARG A 139 21.93 -5.88 -1.19
C ARG A 139 23.44 -6.05 -1.23
N ARG A 140 24.05 -6.08 -0.05
CA ARG A 140 25.49 -6.24 0.04
C ARG A 140 25.95 -7.58 -0.53
N VAL A 141 25.23 -8.67 -0.25
CA VAL A 141 25.65 -9.95 -0.80
C VAL A 141 25.30 -10.07 -2.27
N ASN A 142 24.21 -9.42 -2.72
CA ASN A 142 23.86 -9.46 -4.14
C ASN A 142 25.00 -8.76 -4.92
N LYS A 143 25.67 -7.83 -4.25
CA LYS A 143 26.76 -7.08 -4.86
C LYS A 143 27.95 -8.00 -5.09
N GLN A 144 28.05 -9.03 -4.25
CA GLN A 144 29.13 -10.01 -4.33
C GLN A 144 28.64 -11.17 -5.19
N ASN A 145 27.62 -10.91 -5.98
CA ASN A 145 27.07 -11.92 -6.86
C ASN A 145 26.49 -13.21 -6.20
N ILE A 146 25.95 -13.10 -4.98
CA ILE A 146 25.32 -14.27 -4.32
C ILE A 146 23.84 -13.90 -4.34
N TRP A 147 22.99 -14.80 -4.78
CA TRP A 147 21.57 -14.48 -4.89
C TRP A 147 20.58 -15.26 -4.06
N GLN A 148 21.07 -16.10 -3.14
CA GLN A 148 20.18 -16.86 -2.27
C GLN A 148 20.69 -16.74 -0.87
N ALA A 149 19.78 -16.80 0.08
CA ALA A 149 20.17 -16.72 1.47
C ALA A 149 19.28 -17.59 2.34
N LEU A 150 19.88 -18.14 3.39
CA LEU A 150 19.12 -18.96 4.31
C LEU A 150 18.92 -18.14 5.56
N TYR A 151 17.70 -18.23 6.07
CA TYR A 151 17.32 -17.53 7.28
C TYR A 151 16.45 -18.46 8.11
N THR A 152 16.71 -18.53 9.41
CA THR A 152 15.92 -19.39 10.29
C THR A 152 15.49 -18.63 11.54
N GLY A 153 14.43 -19.10 12.17
CA GLY A 153 13.94 -18.46 13.38
C GLY A 153 12.54 -18.93 13.69
N GLY A 154 12.01 -18.49 14.83
CA GLY A 154 10.65 -18.86 15.20
C GLY A 154 9.62 -18.05 14.43
N SER A 155 10.04 -16.92 13.84
CA SER A 155 9.10 -16.09 13.10
C SER A 155 8.43 -16.89 11.97
N ILE A 156 7.16 -16.60 11.76
CA ILE A 156 6.37 -17.25 10.73
C ILE A 156 6.16 -16.39 9.50
N LEU A 157 6.52 -16.94 8.35
CA LEU A 157 6.41 -16.29 7.07
C LEU A 157 5.77 -17.28 6.14
N PRO A 158 5.27 -16.82 4.99
CA PRO A 158 4.66 -17.81 4.10
C PRO A 158 5.76 -18.73 3.51
N THR A 159 5.38 -19.97 3.21
CA THR A 159 6.27 -20.94 2.57
C THR A 159 7.71 -21.28 3.07
N PRO A 160 7.85 -21.75 4.30
CA PRO A 160 9.17 -22.13 4.84
C PRO A 160 9.57 -23.47 4.18
N LEU A 161 10.85 -23.85 4.19
CA LEU A 161 11.23 -25.14 3.62
C LEU A 161 10.47 -26.18 4.42
N THR A 162 10.45 -25.97 5.73
CA THR A 162 9.74 -26.87 6.62
C THR A 162 9.87 -26.30 8.04
N THR A 163 9.46 -27.08 9.03
CA THR A 163 9.54 -26.64 10.41
C THR A 163 10.00 -27.82 11.26
N CYS A 164 10.94 -27.58 12.16
CA CYS A 164 11.43 -28.63 13.02
C CYS A 164 11.10 -28.22 14.43
N ARG A 165 11.23 -29.15 15.36
CA ARG A 165 10.91 -28.89 16.73
C ARG A 165 12.10 -29.13 17.64
N TYR A 166 12.22 -28.31 18.69
CA TYR A 166 13.31 -28.43 19.61
C TYR A 166 13.13 -29.62 20.56
N GLN A 167 14.25 -30.21 20.97
CA GLN A 167 14.25 -31.35 21.87
C GLN A 167 15.29 -31.10 22.95
N HIS A 168 15.05 -31.62 24.14
CA HIS A 168 15.95 -31.41 25.25
C HIS A 168 16.21 -32.71 26.00
N ARG A 169 17.46 -32.88 26.38
CA ARG A 169 17.85 -34.08 27.06
C ARG A 169 18.58 -33.64 28.30
N PRO A 170 17.85 -33.55 29.42
CA PRO A 170 18.42 -33.15 30.70
C PRO A 170 19.69 -33.96 31.02
N ILE A 171 20.74 -33.26 31.43
CA ILE A 171 21.97 -33.91 31.86
C ILE A 171 22.02 -33.75 33.38
N ASN A 172 21.77 -32.52 33.87
CA ASN A 172 21.75 -32.23 35.31
C ASN A 172 20.33 -31.72 35.67
N TRP A 173 19.40 -32.67 35.79
CA TRP A 173 18.00 -32.36 36.06
C TRP A 173 17.75 -31.47 37.26
N SER A 174 18.41 -31.75 38.38
CA SER A 174 18.22 -30.96 39.58
C SER A 174 18.45 -29.45 39.34
N LYS A 175 19.54 -29.13 38.64
CA LYS A 175 19.84 -27.73 38.35
C LYS A 175 18.82 -27.18 37.35
N LEU A 176 18.42 -27.97 36.37
CA LEU A 176 17.45 -27.49 35.40
C LEU A 176 16.13 -27.23 36.09
N HIS A 177 15.93 -27.89 37.21
CA HIS A 177 14.70 -27.72 37.96
C HIS A 177 14.80 -26.49 38.82
N ASP A 178 15.92 -26.33 39.51
CA ASP A 178 16.16 -25.18 40.36
C ASP A 178 15.94 -23.88 39.58
N VAL A 179 16.51 -23.78 38.38
CA VAL A 179 16.40 -22.56 37.60
C VAL A 179 15.12 -22.45 36.79
N GLY A 180 14.21 -23.40 36.96
CA GLY A 180 12.95 -23.33 36.22
C GLY A 180 12.92 -23.79 34.75
N PHE A 181 13.96 -24.50 34.30
CA PHE A 181 13.97 -24.95 32.91
C PHE A 181 13.09 -26.19 32.78
N SER A 182 13.27 -27.11 33.72
CA SER A 182 12.53 -28.38 33.77
C SER A 182 11.52 -28.39 34.90
N HIS A 183 10.37 -29.00 34.64
CA HIS A 183 9.33 -29.07 35.65
C HIS A 183 9.16 -30.50 36.15
N LEU A 184 8.76 -30.63 37.40
CA LEU A 184 8.56 -31.93 38.00
C LEU A 184 7.22 -32.49 37.58
N PRO A 185 7.22 -33.61 36.81
CA PRO A 185 5.97 -34.21 36.34
C PRO A 185 5.02 -34.61 37.47
N PRO A 186 3.70 -34.56 37.21
CA PRO A 186 2.61 -34.87 38.12
C PRO A 186 2.94 -35.83 39.26
N ASN A 187 3.05 -37.11 38.96
CA ASN A 187 3.32 -38.10 39.99
C ASN A 187 4.79 -38.51 40.05
N GLN A 188 5.66 -37.52 40.12
CA GLN A 188 7.10 -37.77 40.15
C GLN A 188 7.75 -37.01 41.29
N THR A 189 8.98 -37.40 41.61
CA THR A 189 9.75 -36.69 42.65
C THR A 189 11.06 -36.23 42.03
N LYS A 190 11.70 -35.26 42.65
CA LYS A 190 12.97 -34.77 42.13
C LYS A 190 13.92 -35.98 42.06
N SER A 191 13.75 -36.90 43.01
CA SER A 191 14.60 -38.08 43.07
C SER A 191 14.40 -39.06 41.92
N SER A 192 13.15 -39.26 41.52
CA SER A 192 12.89 -40.20 40.43
C SER A 192 13.50 -39.62 39.17
N MET A 193 13.16 -38.37 38.87
CA MET A 193 13.66 -37.66 37.69
C MET A 193 15.18 -37.79 37.57
N VAL A 194 15.89 -37.43 38.63
CA VAL A 194 17.35 -37.48 38.59
C VAL A 194 17.83 -38.87 38.22
N ALA A 195 17.22 -39.85 38.85
CA ALA A 195 17.57 -41.25 38.64
C ALA A 195 17.29 -41.66 37.22
N SER A 196 16.19 -41.18 36.67
CA SER A 196 15.86 -41.54 35.30
C SER A 196 16.81 -40.97 34.23
N TYR A 197 17.63 -39.98 34.58
CA TYR A 197 18.53 -39.37 33.60
C TYR A 197 19.99 -39.69 33.81
N THR A 198 20.30 -40.45 34.85
CA THR A 198 21.70 -40.74 35.10
C THR A 198 22.32 -41.39 33.88
N LEU A 199 23.62 -41.15 33.73
CA LEU A 199 24.36 -41.68 32.60
C LEU A 199 25.71 -42.15 33.08
N PRO A 200 26.34 -43.04 32.32
CA PRO A 200 27.68 -43.55 32.67
C PRO A 200 28.60 -42.34 32.68
N ASN A 201 29.80 -42.51 33.22
CA ASN A 201 30.73 -41.38 33.25
C ASN A 201 31.70 -41.48 32.10
N ASN A 202 31.74 -42.63 31.45
CA ASN A 202 32.66 -42.81 30.35
C ASN A 202 31.95 -43.28 29.10
N PRO A 203 32.43 -42.83 27.95
CA PRO A 203 31.82 -43.24 26.68
C PRO A 203 31.96 -44.76 26.51
N LYS A 204 30.99 -45.36 25.83
CA LYS A 204 30.94 -46.81 25.62
C LYS A 204 31.61 -47.32 24.34
N LEU A 205 31.51 -46.58 23.25
CA LEU A 205 32.07 -47.04 21.98
C LEU A 205 33.57 -47.17 21.97
N LYS A 206 34.07 -48.29 21.48
CA LYS A 206 35.49 -48.55 21.40
C LYS A 206 36.07 -47.77 20.21
N GLY A 207 37.23 -47.19 20.41
CA GLY A 207 37.88 -46.44 19.34
C GLY A 207 37.37 -45.02 19.27
N LEU A 208 36.59 -44.59 20.25
CA LEU A 208 36.07 -43.23 20.24
C LEU A 208 37.15 -42.28 20.74
N ARG A 209 37.42 -41.24 19.98
CA ARG A 209 38.42 -40.26 20.41
C ARG A 209 38.07 -38.91 19.79
N PRO A 210 38.69 -37.85 20.29
CA PRO A 210 38.45 -36.50 19.76
C PRO A 210 39.04 -36.40 18.38
N MET A 211 38.31 -35.71 17.49
CA MET A 211 38.74 -35.48 16.10
C MET A 211 39.92 -34.52 16.10
N THR A 212 40.77 -34.59 15.08
CA THR A 212 41.90 -33.67 14.96
C THR A 212 41.94 -33.14 13.54
N GLY A 213 42.85 -32.20 13.27
CA GLY A 213 42.97 -31.65 11.92
C GLY A 213 43.27 -32.72 10.90
N LYS A 214 43.96 -33.76 11.34
CA LYS A 214 44.32 -34.87 10.46
C LYS A 214 43.11 -35.55 9.84
N ASP A 215 42.09 -35.80 10.66
CA ASP A 215 40.85 -36.50 10.25
C ASP A 215 39.88 -35.80 9.33
N VAL A 216 40.14 -34.53 9.05
CA VAL A 216 39.22 -33.77 8.22
C VAL A 216 38.74 -34.42 6.92
N SER A 217 39.66 -34.79 6.01
CA SER A 217 39.25 -35.39 4.73
C SER A 217 38.42 -36.68 4.89
N THR A 218 38.84 -37.49 5.84
CA THR A 218 38.15 -38.75 6.07
C THR A 218 36.75 -38.52 6.63
N VAL A 219 36.65 -37.65 7.63
CA VAL A 219 35.35 -37.37 8.23
C VAL A 219 34.44 -36.72 7.20
N LEU A 220 34.99 -35.75 6.46
CA LEU A 220 34.23 -35.06 5.44
C LEU A 220 33.65 -36.05 4.43
N SER A 221 34.46 -37.01 4.00
CA SER A 221 33.98 -38.02 3.03
C SER A 221 32.87 -38.87 3.63
N LEU A 222 33.01 -39.18 4.92
CA LEU A 222 32.02 -39.99 5.60
C LEU A 222 30.71 -39.21 5.66
N LEU A 223 30.77 -37.94 6.06
CA LEU A 223 29.57 -37.11 6.12
C LEU A 223 28.92 -37.01 4.74
N TYR A 224 29.74 -36.80 3.70
CA TYR A 224 29.20 -36.67 2.35
C TYR A 224 28.41 -37.91 1.93
N LYS A 225 28.97 -39.08 2.17
CA LYS A 225 28.28 -40.32 1.80
C LYS A 225 26.97 -40.41 2.58
N TYR A 226 27.10 -40.22 3.88
CA TYR A 226 25.98 -40.28 4.80
C TYR A 226 24.83 -39.31 4.52
N GLN A 227 25.17 -38.04 4.38
CA GLN A 227 24.13 -37.03 4.18
C GLN A 227 23.37 -37.04 2.88
N GLU A 228 23.66 -38.01 2.00
CA GLU A 228 22.95 -38.14 0.72
C GLU A 228 21.44 -38.35 0.94
N ARG A 229 21.10 -38.86 2.12
CA ARG A 229 19.71 -39.16 2.51
C ARG A 229 18.81 -37.93 2.83
N PHE A 230 19.41 -36.77 3.10
CA PHE A 230 18.63 -35.58 3.41
C PHE A 230 18.33 -34.82 2.11
N ASP A 231 17.41 -33.85 2.16
CA ASP A 231 17.06 -33.08 0.96
C ASP A 231 18.01 -31.91 0.75
N ILE A 232 18.33 -31.20 1.82
CA ILE A 232 19.25 -30.08 1.70
C ILE A 232 20.42 -30.31 2.63
N VAL A 233 21.63 -30.16 2.11
CA VAL A 233 22.80 -30.33 2.96
C VAL A 233 23.81 -29.20 2.72
N GLN A 234 24.88 -29.23 3.49
CA GLN A 234 25.92 -28.24 3.35
C GLN A 234 27.17 -28.89 2.75
N LEU A 235 27.94 -28.14 1.96
CA LEU A 235 29.19 -28.64 1.38
C LEU A 235 30.30 -27.75 1.94
N PHE A 236 31.45 -28.34 2.27
CA PHE A 236 32.56 -27.57 2.82
C PHE A 236 33.83 -27.81 2.04
N THR A 237 34.75 -26.86 2.14
CA THR A 237 36.07 -27.02 1.57
C THR A 237 36.70 -27.66 2.80
N GLU A 238 37.86 -28.29 2.66
CA GLU A 238 38.44 -28.91 3.81
C GLU A 238 38.73 -27.87 4.85
N GLU A 239 39.07 -26.69 4.38
CA GLU A 239 39.36 -25.54 5.24
C GLU A 239 38.11 -25.12 6.01
N GLU A 240 36.95 -25.13 5.35
CA GLU A 240 35.73 -24.73 6.06
C GLU A 240 35.37 -25.75 7.08
N PHE A 241 35.44 -27.03 6.68
CA PHE A 241 35.09 -28.10 7.60
C PHE A 241 36.03 -28.07 8.81
N LYS A 242 37.33 -27.89 8.57
CA LYS A 242 38.24 -27.84 9.70
C LYS A 242 37.80 -26.76 10.70
N HIS A 243 37.52 -25.55 10.18
CA HIS A 243 37.11 -24.43 11.04
C HIS A 243 35.87 -24.74 11.90
N TRP A 244 34.84 -25.25 11.25
CA TRP A 244 33.55 -25.55 11.90
C TRP A 244 33.56 -26.72 12.85
N MET A 245 34.46 -27.68 12.64
CA MET A 245 34.54 -28.84 13.50
C MET A 245 35.57 -28.66 14.62
N LEU A 246 36.67 -27.95 14.34
CA LEU A 246 37.73 -27.80 15.33
C LEU A 246 37.98 -26.44 15.95
N GLY A 247 37.40 -25.39 15.37
CA GLY A 247 37.59 -24.07 15.94
C GLY A 247 38.38 -23.11 15.07
N HIS A 248 38.34 -21.84 15.43
CA HIS A 248 39.03 -20.80 14.69
C HIS A 248 40.54 -20.98 14.72
N ASP A 249 41.07 -21.31 15.90
CA ASP A 249 42.51 -21.50 16.07
C ASP A 249 42.98 -22.97 15.98
N GLU A 250 43.72 -23.28 14.93
CA GLU A 250 44.23 -24.64 14.76
C GLU A 250 45.10 -25.19 15.90
N ASN A 251 45.87 -24.35 16.60
CA ASN A 251 46.69 -24.90 17.69
C ASN A 251 46.18 -24.72 19.13
N SER A 252 44.87 -24.87 19.34
CA SER A 252 44.31 -24.78 20.69
C SER A 252 42.95 -25.46 20.73
N ASP A 253 42.79 -26.41 21.64
CA ASP A 253 41.55 -27.15 21.75
C ASP A 253 40.35 -26.21 21.94
N SER A 254 39.34 -26.35 21.09
CA SER A 254 38.16 -25.51 21.16
C SER A 254 37.25 -25.76 22.35
N ASN A 255 36.73 -24.67 22.91
CA ASN A 255 35.80 -24.72 24.03
C ASN A 255 34.39 -24.48 23.54
N VAL A 256 34.24 -24.35 22.22
CA VAL A 256 32.96 -24.12 21.59
C VAL A 256 32.43 -25.31 20.78
N VAL A 257 33.27 -25.92 19.93
CA VAL A 257 32.88 -27.12 19.16
C VAL A 257 33.61 -28.33 19.71
N LYS A 258 32.89 -29.42 19.91
CA LYS A 258 33.47 -30.68 20.37
C LYS A 258 33.14 -31.70 19.27
N SER A 259 34.19 -32.21 18.62
CA SER A 259 34.05 -33.17 17.56
C SER A 259 34.75 -34.48 17.95
N TYR A 260 34.12 -35.60 17.64
CA TYR A 260 34.67 -36.92 17.97
C TYR A 260 34.54 -37.88 16.81
N VAL A 261 35.47 -38.83 16.75
CA VAL A 261 35.44 -39.85 15.70
C VAL A 261 35.53 -41.23 16.37
N VAL A 262 35.03 -42.24 15.67
CA VAL A 262 35.12 -43.60 16.16
C VAL A 262 35.88 -44.34 15.06
N GLU A 263 37.02 -44.91 15.43
CA GLU A 263 37.77 -45.68 14.44
C GLU A 263 38.01 -47.08 14.91
N ASP A 264 38.22 -47.95 13.94
CA ASP A 264 38.50 -49.33 14.26
C ASP A 264 40.01 -49.52 14.40
N GLU A 265 40.38 -50.76 14.71
CA GLU A 265 41.75 -51.21 14.89
C GLU A 265 42.75 -50.73 13.83
N ASN A 266 42.29 -50.48 12.61
CA ASN A 266 43.19 -50.02 11.56
C ASN A 266 43.11 -48.54 11.19
N GLY A 267 42.48 -47.77 12.07
CA GLY A 267 42.35 -46.35 11.85
C GLY A 267 41.25 -46.07 10.87
N ILE A 268 40.33 -47.02 10.68
CA ILE A 268 39.27 -46.70 9.75
C ILE A 268 38.17 -46.00 10.54
N ILE A 269 37.92 -44.74 10.19
CA ILE A 269 36.88 -43.95 10.87
C ILE A 269 35.51 -44.40 10.40
N THR A 270 34.69 -44.91 11.34
CA THR A 270 33.36 -45.46 10.98
C THR A 270 32.17 -44.62 11.39
N ASP A 271 32.40 -43.74 12.35
CA ASP A 271 31.35 -42.85 12.84
C ASP A 271 32.02 -41.58 13.32
N TYR A 272 31.21 -40.53 13.47
CA TYR A 272 31.67 -39.26 14.00
C TYR A 272 30.47 -38.41 14.41
N PHE A 273 30.66 -37.57 15.41
CA PHE A 273 29.61 -36.63 15.84
C PHE A 273 30.23 -35.35 16.36
N SER A 274 29.45 -34.28 16.38
CA SER A 274 29.96 -33.03 16.90
C SER A 274 28.83 -32.25 17.54
N TYR A 275 29.16 -31.35 18.45
CA TYR A 275 28.15 -30.52 19.07
C TYR A 275 28.82 -29.23 19.52
N TYR A 276 28.07 -28.14 19.62
CA TYR A 276 28.68 -26.88 20.06
C TYR A 276 28.10 -26.40 21.37
N LEU A 277 28.91 -25.70 22.13
CA LEU A 277 28.49 -25.20 23.43
C LEU A 277 28.09 -23.72 23.40
N LEU A 278 26.91 -23.42 23.94
CA LEU A 278 26.42 -22.04 24.02
C LEU A 278 25.60 -21.90 25.31
N PRO A 279 26.25 -21.45 26.39
CA PRO A 279 25.55 -21.31 27.66
C PRO A 279 24.59 -20.16 27.75
N PHE A 280 23.76 -20.22 28.79
CA PHE A 280 22.83 -19.16 29.09
C PHE A 280 23.33 -18.54 30.40
N THR A 281 23.24 -17.22 30.51
CA THR A 281 23.59 -16.58 31.76
C THR A 281 22.23 -16.72 32.48
N VAL A 282 22.24 -17.02 33.77
CA VAL A 282 20.97 -17.18 34.49
C VAL A 282 20.78 -16.02 35.46
N LEU A 283 19.65 -15.32 35.35
CA LEU A 283 19.35 -14.18 36.22
C LEU A 283 18.35 -14.48 37.32
N ASP A 284 18.56 -13.88 38.49
CA ASP A 284 17.68 -14.02 39.63
C ASP A 284 17.56 -15.38 40.27
N ASN A 285 18.64 -16.16 40.29
CA ASN A 285 18.58 -17.46 40.94
C ASN A 285 19.61 -17.37 42.03
N ALA A 286 19.14 -17.58 43.26
CA ALA A 286 19.97 -17.49 44.42
C ALA A 286 21.04 -18.55 44.46
N GLN A 287 21.01 -19.45 43.49
CA GLN A 287 21.97 -20.55 43.46
C GLN A 287 22.93 -20.63 42.28
N HIS A 288 22.39 -20.47 41.06
CA HIS A 288 23.16 -20.61 39.82
C HIS A 288 23.23 -19.37 38.97
N ASP A 289 24.35 -19.20 38.29
CA ASP A 289 24.59 -18.03 37.43
C ASP A 289 24.63 -18.39 35.95
N GLU A 290 24.98 -19.64 35.65
CA GLU A 290 25.09 -20.09 34.29
C GLU A 290 24.42 -21.46 34.09
N LEU A 291 23.98 -21.72 32.87
CA LEU A 291 23.34 -22.99 32.56
C LEU A 291 24.04 -23.47 31.31
N GLY A 292 24.77 -24.59 31.44
CA GLY A 292 25.51 -25.15 30.32
C GLY A 292 24.59 -25.80 29.32
N ILE A 293 24.71 -25.40 28.06
CA ILE A 293 23.86 -25.97 27.01
C ILE A 293 24.71 -26.48 25.85
N ALA A 294 24.34 -27.63 25.29
CA ALA A 294 25.05 -28.16 24.15
C ALA A 294 24.01 -28.27 23.02
N TYR A 295 24.48 -28.19 21.78
CA TYR A 295 23.60 -28.30 20.66
C TYR A 295 24.20 -29.31 19.70
N LEU A 296 23.40 -30.32 19.32
CA LEU A 296 23.89 -31.34 18.39
C LEU A 296 24.20 -30.65 17.06
N PHE A 297 25.35 -30.97 16.49
CA PHE A 297 25.82 -30.35 15.25
C PHE A 297 25.72 -31.39 14.12
N TYR A 298 26.85 -31.70 13.48
CA TYR A 298 26.84 -32.68 12.41
C TYR A 298 27.34 -34.04 12.87
N TYR A 299 26.82 -35.10 12.25
CA TYR A 299 27.26 -36.46 12.60
C TYR A 299 27.06 -37.38 11.40
N ALA A 300 27.67 -38.56 11.44
CA ALA A 300 27.55 -39.53 10.35
C ALA A 300 27.97 -40.92 10.80
N SER A 301 27.40 -41.93 10.15
CA SER A 301 27.72 -43.30 10.50
C SER A 301 27.78 -44.24 9.30
N ASP A 302 28.67 -45.23 9.43
CA ASP A 302 28.94 -46.32 8.48
C ASP A 302 27.70 -47.16 8.28
N SER A 303 27.09 -47.45 9.42
CA SER A 303 25.97 -48.33 9.54
C SER A 303 24.67 -47.97 8.90
N PHE A 304 24.60 -46.87 8.16
CA PHE A 304 23.29 -46.48 7.65
C PHE A 304 22.65 -47.46 6.71
N GLU A 305 23.45 -48.31 6.09
CA GLU A 305 22.86 -49.28 5.19
C GLU A 305 22.66 -50.60 5.91
N LYS A 306 23.23 -50.72 7.10
CA LYS A 306 23.12 -51.97 7.84
C LYS A 306 21.91 -52.02 8.79
N PRO A 307 21.58 -53.24 9.27
CA PRO A 307 20.44 -53.44 10.17
C PRO A 307 20.62 -52.91 11.58
N ASN A 308 21.86 -52.71 11.99
CA ASN A 308 22.11 -52.17 13.32
C ASN A 308 22.20 -50.63 13.28
N TYR A 309 21.80 -50.01 12.17
CA TYR A 309 21.85 -48.56 12.06
C TYR A 309 21.22 -47.81 13.27
N LYS A 310 19.93 -48.03 13.51
CA LYS A 310 19.28 -47.32 14.61
C LYS A 310 20.00 -47.53 15.94
N LYS A 311 20.29 -48.76 16.26
CA LYS A 311 20.96 -49.01 17.51
C LYS A 311 22.30 -48.29 17.60
N ARG A 312 23.04 -48.30 16.50
CA ARG A 312 24.35 -47.65 16.40
C ARG A 312 24.27 -46.13 16.57
N LEU A 313 23.29 -45.49 15.91
CA LEU A 313 23.09 -44.06 16.02
C LEU A 313 22.84 -43.74 17.50
N ASN A 314 22.00 -44.54 18.13
CA ASN A 314 21.66 -44.30 19.53
C ASN A 314 22.90 -44.45 20.40
N GLU A 315 23.78 -45.35 20.01
CA GLU A 315 25.00 -45.55 20.79
C GLU A 315 25.89 -44.31 20.64
N LEU A 316 25.91 -43.75 19.44
CA LEU A 316 26.69 -42.57 19.12
C LEU A 316 26.25 -41.39 19.97
N ILE A 317 24.96 -41.07 19.91
CA ILE A 317 24.44 -39.94 20.67
C ILE A 317 24.62 -40.13 22.17
N THR A 318 24.45 -41.35 22.65
CA THR A 318 24.62 -41.62 24.07
C THR A 318 26.03 -41.27 24.52
N ASP A 319 27.00 -41.53 23.66
CA ASP A 319 28.37 -41.18 24.01
C ASP A 319 28.57 -39.64 23.95
N ALA A 320 27.86 -38.98 23.03
CA ALA A 320 27.92 -37.53 22.94
C ALA A 320 27.40 -36.98 24.28
N LEU A 321 26.23 -37.46 24.71
CA LEU A 321 25.64 -37.04 25.98
C LEU A 321 26.65 -37.23 27.11
N ILE A 322 27.25 -38.41 27.19
CA ILE A 322 28.25 -38.70 28.23
C ILE A 322 29.46 -37.77 28.15
N THR A 323 29.96 -37.50 26.94
CA THR A 323 31.12 -36.62 26.84
C THR A 323 30.80 -35.19 27.28
N SER A 324 29.58 -34.73 27.03
CA SER A 324 29.22 -33.36 27.41
C SER A 324 29.29 -33.17 28.92
N LYS A 325 29.18 -34.26 29.68
CA LYS A 325 29.22 -34.13 31.13
C LYS A 325 30.56 -33.53 31.60
N LYS A 326 31.64 -33.70 30.84
CA LYS A 326 32.90 -33.14 31.29
C LYS A 326 33.06 -31.66 30.90
N PHE A 327 32.06 -31.11 30.21
CA PHE A 327 32.16 -29.71 29.80
C PHE A 327 31.09 -28.83 30.46
N GLY A 328 30.59 -29.28 31.61
CA GLY A 328 29.58 -28.53 32.34
C GLY A 328 28.20 -28.45 31.72
N VAL A 329 27.90 -29.32 30.77
CA VAL A 329 26.59 -29.28 30.12
C VAL A 329 25.45 -29.71 31.05
N ASP A 330 24.39 -28.90 31.10
CA ASP A 330 23.24 -29.20 31.95
C ASP A 330 22.06 -29.76 31.14
N VAL A 331 21.96 -29.37 29.88
CA VAL A 331 20.95 -29.90 28.96
C VAL A 331 21.60 -30.01 27.61
N PHE A 332 21.25 -31.08 26.91
CA PHE A 332 21.79 -31.32 25.58
C PHE A 332 20.62 -31.17 24.64
N ASN A 333 20.71 -30.21 23.73
CA ASN A 333 19.60 -29.99 22.81
C ASN A 333 19.87 -30.45 21.39
N CYS A 334 18.79 -30.54 20.63
CA CYS A 334 18.86 -30.85 19.22
C CYS A 334 17.49 -30.54 18.65
N LEU A 335 17.38 -30.53 17.34
CA LEU A 335 16.12 -30.29 16.66
C LEU A 335 15.68 -31.67 16.09
N THR A 336 14.51 -31.72 15.44
CA THR A 336 14.04 -32.99 14.88
C THR A 336 14.50 -33.16 13.42
N CYS A 337 15.59 -32.50 13.06
CA CYS A 337 16.14 -32.56 11.71
C CYS A 337 17.03 -33.81 11.51
N GLN A 338 17.63 -33.93 10.33
CA GLN A 338 18.52 -35.05 10.00
C GLN A 338 17.81 -36.37 10.37
N ASP A 339 18.50 -37.29 11.05
CA ASP A 339 17.87 -38.55 11.46
C ASP A 339 17.69 -38.53 12.98
N ASN A 340 17.60 -37.33 13.54
CA ASN A 340 17.49 -37.20 14.99
C ASN A 340 16.31 -37.96 15.61
N THR A 341 15.21 -38.08 14.86
CA THR A 341 14.05 -38.75 15.40
C THR A 341 14.29 -40.24 15.64
N TYR A 342 15.42 -40.74 15.15
CA TYR A 342 15.80 -42.14 15.37
C TYR A 342 16.34 -42.38 16.79
N PHE A 343 16.78 -41.33 17.48
CA PHE A 343 17.32 -41.51 18.82
C PHE A 343 16.64 -40.72 19.96
N LEU A 344 15.71 -39.82 19.63
CA LEU A 344 15.04 -39.01 20.65
C LEU A 344 14.43 -39.85 21.76
N LYS A 345 13.63 -40.83 21.39
CA LYS A 345 12.98 -41.66 22.38
C LYS A 345 13.89 -42.46 23.27
N ASP A 346 14.79 -43.25 22.68
CA ASP A 346 15.64 -44.08 23.53
C ASP A 346 16.66 -43.27 24.29
N CYS A 347 17.08 -42.14 23.72
CA CYS A 347 18.06 -41.34 24.43
C CYS A 347 17.46 -40.37 25.47
N LYS A 348 16.12 -40.35 25.56
CA LYS A 348 15.37 -39.53 26.52
C LYS A 348 15.30 -38.03 26.25
N PHE A 349 15.12 -37.67 24.98
CA PHE A 349 15.01 -36.27 24.60
C PHE A 349 13.51 -35.98 24.70
N GLY A 350 13.14 -34.89 25.37
CA GLY A 350 11.72 -34.54 25.45
C GLY A 350 11.49 -33.38 24.50
N SER A 351 10.29 -33.31 23.93
CA SER A 351 9.91 -32.24 22.99
C SER A 351 9.75 -30.93 23.75
N GLY A 352 10.26 -29.84 23.19
CA GLY A 352 10.11 -28.54 23.84
C GLY A 352 8.98 -27.77 23.17
N ASP A 353 8.76 -26.54 23.61
CA ASP A 353 7.69 -25.70 23.03
C ASP A 353 8.21 -25.00 21.80
N GLY A 354 9.54 -24.92 21.68
CA GLY A 354 10.12 -24.22 20.55
C GLY A 354 10.12 -24.96 19.22
N PHE A 355 9.99 -24.18 18.16
CA PHE A 355 10.01 -24.68 16.80
C PHE A 355 10.96 -23.81 16.00
N LEU A 356 11.48 -24.35 14.89
CA LEU A 356 12.37 -23.56 14.06
C LEU A 356 11.85 -23.65 12.64
N ASN A 357 11.75 -22.51 11.99
CA ASN A 357 11.31 -22.43 10.61
C ASN A 357 12.55 -22.11 9.79
N TYR A 358 12.60 -22.62 8.56
CA TYR A 358 13.74 -22.39 7.69
C TYR A 358 13.23 -21.71 6.45
N TYR A 359 13.95 -20.71 5.97
CA TYR A 359 13.53 -20.02 4.76
C TYR A 359 14.71 -19.85 3.84
N LEU A 360 14.49 -20.16 2.57
CA LEU A 360 15.54 -20.02 1.61
C LEU A 360 14.98 -18.92 0.74
N PHE A 361 15.45 -17.70 0.97
CA PHE A 361 14.96 -16.59 0.19
C PHE A 361 15.39 -16.72 -1.27
N ASN A 362 14.49 -16.33 -2.16
CA ASN A 362 14.73 -16.37 -3.58
C ASN A 362 15.01 -17.76 -4.15
N TYR A 363 14.22 -18.74 -3.70
CA TYR A 363 14.34 -20.10 -4.19
C TYR A 363 13.16 -20.98 -3.79
N ARG A 364 12.47 -21.56 -4.76
CA ARG A 364 11.36 -22.46 -4.43
C ARG A 364 11.90 -23.88 -4.42
N THR A 365 11.49 -24.68 -3.44
CA THR A 365 11.94 -26.06 -3.31
C THR A 365 10.73 -26.91 -2.99
N PHE A 366 10.85 -28.23 -3.18
CA PHE A 366 9.75 -29.13 -2.88
C PHE A 366 9.59 -29.18 -1.35
N PRO A 367 8.41 -29.58 -0.88
CA PRO A 367 8.17 -29.67 0.58
C PRO A 367 9.21 -30.61 1.21
N MET A 368 9.50 -30.42 2.49
CA MET A 368 10.48 -31.26 3.18
C MET A 368 9.90 -31.72 4.51
N ASP A 369 10.29 -32.92 4.96
CA ASP A 369 9.81 -33.46 6.23
C ASP A 369 10.62 -32.84 7.34
N GLY A 370 9.94 -32.32 8.35
CA GLY A 370 10.65 -31.67 9.44
C GLY A 370 10.86 -32.51 10.66
N GLY A 371 10.48 -33.79 10.57
CA GLY A 371 10.64 -34.68 11.70
C GLY A 371 9.46 -34.68 12.67
N ILE A 372 8.39 -33.99 12.28
CA ILE A 372 7.19 -33.91 13.11
C ILE A 372 5.98 -34.06 12.21
N ASP A 373 4.85 -34.46 12.78
CA ASP A 373 3.64 -34.61 12.01
C ASP A 373 3.17 -33.23 11.56
N LYS A 374 2.98 -33.14 10.24
CA LYS A 374 2.54 -31.92 9.59
C LYS A 374 1.23 -31.34 10.17
N LYS A 375 0.57 -32.08 11.05
CA LYS A 375 -0.67 -31.58 11.62
C LYS A 375 -0.67 -31.44 13.13
N THR A 376 -0.14 -32.42 13.85
CA THR A 376 -0.07 -32.42 15.31
C THR A 376 1.19 -31.74 15.85
N LYS A 377 2.20 -31.59 14.97
CA LYS A 377 3.51 -30.98 15.31
C LYS A 377 4.25 -31.87 16.30
N GLU A 378 3.79 -33.11 16.44
CA GLU A 378 4.42 -34.04 17.36
C GLU A 378 5.53 -34.82 16.64
N VAL A 379 6.50 -35.26 17.43
CA VAL A 379 7.62 -36.00 16.88
C VAL A 379 7.16 -37.27 16.15
N VAL A 380 7.68 -37.48 14.94
CA VAL A 380 7.39 -38.70 14.19
C VAL A 380 8.66 -39.57 14.23
N GLU A 381 8.65 -40.61 15.06
CA GLU A 381 9.78 -41.50 15.25
C GLU A 381 10.47 -42.13 14.04
N ASP A 382 11.78 -42.33 14.18
CA ASP A 382 12.61 -42.99 13.16
C ASP A 382 12.37 -42.59 11.72
N GLN A 383 12.30 -41.30 11.45
CA GLN A 383 12.08 -40.85 10.08
C GLN A 383 13.23 -39.93 9.71
N THR A 384 13.50 -39.86 8.42
CA THR A 384 14.55 -39.01 7.92
C THR A 384 13.97 -37.66 7.52
N SER A 385 14.45 -36.59 8.13
CA SER A 385 13.95 -35.26 7.81
C SER A 385 14.68 -34.78 6.58
N GLY A 386 14.03 -33.94 5.77
CA GLY A 386 14.72 -33.43 4.60
C GLY A 386 15.77 -32.41 5.00
N ILE A 387 15.75 -31.96 6.26
CA ILE A 387 16.73 -30.99 6.67
C ILE A 387 18.02 -31.67 7.09
N GLY A 388 19.09 -31.39 6.33
CA GLY A 388 20.39 -31.96 6.63
C GLY A 388 21.42 -30.89 7.00
N VAL A 389 20.96 -29.65 7.24
CA VAL A 389 21.87 -28.58 7.63
C VAL A 389 21.55 -28.14 9.06
N VAL A 390 22.57 -27.70 9.79
CA VAL A 390 22.36 -27.22 11.16
C VAL A 390 22.86 -25.79 11.15
N LEU A 391 22.08 -24.85 11.67
CA LEU A 391 22.48 -23.44 11.72
C LEU A 391 22.74 -23.13 13.16
N LEU A 392 23.83 -22.40 13.43
CA LEU A 392 24.14 -22.12 14.81
C LEU A 392 23.15 -21.12 15.40
N GLU B 1 5.41 -4.12 -12.53
CA GLU B 1 4.92 -3.95 -11.13
C GLU B 1 5.99 -3.34 -10.25
N GLY B 2 5.66 -2.26 -9.56
CA GLY B 2 6.63 -1.62 -8.68
C GLY B 2 6.34 -0.17 -8.30
N PRO B 3 7.20 0.42 -7.46
CA PRO B 3 7.03 1.83 -7.04
C PRO B 3 6.95 2.74 -8.23
N ILE B 4 6.41 3.94 -8.02
CA ILE B 4 6.29 4.90 -9.10
C ILE B 4 7.30 6.03 -8.94
N ASP B 5 7.36 6.64 -7.75
CA ASP B 5 8.24 7.77 -7.53
C ASP B 5 9.71 7.40 -7.52
N LYS B 6 10.52 8.31 -8.03
CA LYS B 6 11.96 8.12 -8.16
C LYS B 6 12.69 7.61 -6.92
N LEU B 7 12.01 7.61 -5.78
CA LEU B 7 12.62 7.10 -4.55
C LEU B 7 13.60 8.05 -3.89
N LYS B 8 13.26 8.48 -2.68
CA LYS B 8 14.11 9.38 -1.93
C LYS B 8 14.27 8.85 -0.52
N THR B 9 14.91 9.65 0.33
CA THR B 9 15.12 9.25 1.71
C THR B 9 14.31 10.13 2.64
N PRO B 10 14.10 9.70 3.88
CA PRO B 10 13.33 10.52 4.83
C PRO B 10 13.87 11.94 4.87
N GLU B 11 15.17 12.07 4.67
CA GLU B 11 15.87 13.34 4.64
C GLU B 11 15.28 14.30 3.61
N ASP B 12 14.99 13.80 2.41
CA ASP B 12 14.45 14.62 1.33
C ASP B 12 12.99 15.02 1.57
N VAL B 13 12.44 14.61 2.70
CA VAL B 13 11.05 14.92 3.01
C VAL B 13 10.95 16.15 3.91
N PRO B 14 10.08 17.09 3.54
CA PRO B 14 9.89 18.33 4.32
C PRO B 14 9.70 18.04 5.82
N ASN B 15 10.43 18.76 6.67
CA ASN B 15 10.34 18.52 8.10
C ASN B 15 9.11 19.08 8.76
N ASP B 16 8.46 20.03 8.10
CA ASP B 16 7.28 20.61 8.72
C ASP B 16 6.01 20.46 7.94
N PRO B 17 4.88 20.43 8.65
CA PRO B 17 3.56 20.28 8.03
C PRO B 17 3.33 21.27 6.90
N LEU B 18 2.60 20.80 5.89
CA LEU B 18 2.27 21.63 4.76
C LEU B 18 1.54 22.88 5.23
N PRO B 19 1.63 23.95 4.47
CA PRO B 19 0.94 25.17 4.92
C PRO B 19 -0.59 25.07 4.68
N LEU B 20 -1.40 25.67 5.56
CA LEU B 20 -2.87 25.65 5.43
C LEU B 20 -3.40 27.09 5.40
N ILE B 21 -4.58 27.33 4.82
CA ILE B 21 -5.09 28.70 4.81
C ILE B 21 -5.15 29.14 6.27
N SER B 22 -4.83 30.41 6.50
CA SER B 22 -4.73 30.97 7.84
C SER B 22 -5.85 30.68 8.86
N ASP B 23 -7.04 30.35 8.39
CA ASP B 23 -8.14 30.02 9.31
C ASP B 23 -7.95 28.72 10.09
N PHE B 24 -7.07 27.85 9.58
CA PHE B 24 -6.83 26.56 10.21
C PHE B 24 -5.42 26.27 10.63
N GLU B 25 -5.28 25.21 11.41
CA GLU B 25 -3.99 24.78 11.89
C GLU B 25 -4.02 23.26 12.10
N TRP B 26 -2.87 22.64 11.92
CA TRP B 26 -2.77 21.22 12.15
C TRP B 26 -2.82 21.01 13.66
N SER B 27 -3.37 19.89 14.07
CA SER B 27 -3.41 19.55 15.48
C SER B 27 -3.31 18.02 15.55
N THR B 28 -2.18 17.54 16.07
CA THR B 28 -2.02 16.11 16.19
C THR B 28 -2.95 15.69 17.33
N LEU B 29 -3.69 14.61 17.14
CA LEU B 29 -4.61 14.14 18.18
C LEU B 29 -3.96 13.10 19.07
N ASP B 30 -4.34 13.10 20.34
CA ASP B 30 -3.85 12.11 21.28
C ASP B 30 -5.12 11.36 21.68
N ILE B 31 -5.39 10.22 21.06
CA ILE B 31 -6.60 9.49 21.40
C ILE B 31 -6.61 8.89 22.79
N ASP B 32 -5.46 8.92 23.47
CA ASP B 32 -5.41 8.38 24.83
C ASP B 32 -5.97 9.42 25.80
N ASP B 33 -6.25 10.60 25.28
CA ASP B 33 -6.83 11.66 26.09
C ASP B 33 -8.30 11.58 25.70
N ASN B 34 -9.13 11.09 26.62
CA ASN B 34 -10.55 10.90 26.34
C ASN B 34 -11.28 12.13 25.84
N LEU B 35 -10.78 13.30 26.20
CA LEU B 35 -11.43 14.52 25.73
C LEU B 35 -11.21 14.68 24.22
N GLN B 36 -10.00 14.34 23.74
CA GLN B 36 -9.71 14.43 22.32
C GLN B 36 -10.39 13.28 21.56
N LEU B 37 -10.44 12.10 22.17
CA LEU B 37 -11.11 10.98 21.52
C LEU B 37 -12.59 11.41 21.40
N ASP B 38 -13.09 12.13 22.39
CA ASP B 38 -14.49 12.57 22.33
C ASP B 38 -14.69 13.52 21.16
N GLU B 39 -13.70 14.40 20.95
CA GLU B 39 -13.77 15.34 19.85
C GLU B 39 -13.84 14.59 18.52
N LEU B 40 -12.97 13.58 18.36
CA LEU B 40 -12.94 12.80 17.13
C LEU B 40 -14.28 12.11 16.91
N TYR B 41 -14.82 11.53 17.96
CA TYR B 41 -16.08 10.82 17.84
C TYR B 41 -17.15 11.76 17.37
N LYS B 42 -17.16 12.99 17.89
CA LYS B 42 -18.18 13.95 17.47
C LYS B 42 -17.97 14.37 16.01
N LEU B 43 -16.73 14.64 15.62
CA LEU B 43 -16.49 15.02 14.24
C LEU B 43 -17.00 13.94 13.27
N LEU B 44 -16.72 12.68 13.60
CA LEU B 44 -17.14 11.56 12.74
C LEU B 44 -18.64 11.40 12.69
N TYR B 45 -19.24 11.40 13.87
CA TYR B 45 -20.67 11.26 14.01
C TYR B 45 -21.48 12.20 13.14
N ASP B 46 -21.06 13.46 13.11
CA ASP B 46 -21.78 14.50 12.34
C ASP B 46 -21.38 14.58 10.89
N ASN B 47 -20.11 14.28 10.60
CA ASN B 47 -19.63 14.50 9.26
C ASN B 47 -19.13 13.35 8.42
N TYR B 48 -18.99 12.17 9.02
CA TYR B 48 -18.50 11.02 8.29
C TYR B 48 -19.67 10.13 7.95
N VAL B 49 -20.54 10.62 7.08
CA VAL B 49 -21.75 9.91 6.66
C VAL B 49 -21.64 9.69 5.18
N GLU B 50 -20.45 9.26 4.76
CA GLU B 50 -20.09 9.01 3.35
C GLU B 50 -21.26 8.70 2.41
N ASP B 51 -21.44 7.42 2.11
CA ASP B 51 -22.52 7.02 1.23
C ASP B 51 -23.48 6.18 2.07
N ILE B 52 -24.00 6.80 3.13
CA ILE B 52 -24.94 6.15 4.05
C ILE B 52 -26.24 6.95 4.20
N ASP B 53 -27.31 6.24 4.48
CA ASP B 53 -28.61 6.87 4.65
C ASP B 53 -28.43 7.99 5.68
N ALA B 54 -29.02 9.15 5.36
CA ALA B 54 -28.97 10.30 6.25
C ALA B 54 -29.40 9.93 7.68
N THR B 55 -30.29 8.94 7.80
CA THR B 55 -30.78 8.50 9.11
C THR B 55 -29.83 7.57 9.90
N PHE B 56 -28.72 7.19 9.30
CA PHE B 56 -27.77 6.31 10.00
C PHE B 56 -26.47 7.04 10.33
N ARG B 57 -25.84 6.64 11.43
CA ARG B 57 -24.56 7.22 11.82
C ARG B 57 -23.71 6.10 12.38
N PHE B 58 -22.43 6.09 12.05
CA PHE B 58 -21.56 5.06 12.59
C PHE B 58 -21.48 5.22 14.10
N LYS B 59 -21.76 4.13 14.81
CA LYS B 59 -21.69 4.14 16.26
C LYS B 59 -20.36 3.52 16.73
N TYR B 60 -19.40 4.40 17.02
CA TYR B 60 -18.07 4.00 17.46
C TYR B 60 -17.93 3.94 18.98
N SER B 61 -17.52 2.80 19.52
CA SER B 61 -17.32 2.69 20.97
C SER B 61 -15.83 2.86 21.30
N HIS B 62 -15.54 3.00 22.58
CA HIS B 62 -14.16 3.16 22.98
C HIS B 62 -13.40 1.90 22.59
N GLU B 63 -14.04 0.76 22.81
CA GLU B 63 -13.43 -0.53 22.48
C GLU B 63 -13.14 -0.65 20.99
N PHE B 64 -14.06 -0.15 20.15
CA PHE B 64 -13.84 -0.19 18.69
C PHE B 64 -12.59 0.63 18.31
N PHE B 65 -12.42 1.80 18.92
CA PHE B 65 -11.26 2.64 18.60
C PHE B 65 -9.95 1.99 19.03
N GLN B 66 -9.93 1.29 20.16
CA GLN B 66 -8.70 0.66 20.63
C GLN B 66 -8.26 -0.36 19.56
N TRP B 67 -9.24 -1.14 19.12
CA TRP B 67 -9.00 -2.18 18.12
C TRP B 67 -8.58 -1.60 16.79
N ALA B 68 -9.34 -0.63 16.28
CA ALA B 68 -9.06 -0.04 14.98
C ALA B 68 -7.81 0.83 14.87
N LEU B 69 -7.51 1.59 15.92
CA LEU B 69 -6.37 2.51 15.86
C LEU B 69 -5.11 2.18 16.63
N LYS B 70 -5.18 1.23 17.57
CA LYS B 70 -3.98 0.92 18.36
C LYS B 70 -3.35 -0.47 18.17
N PRO B 71 -3.15 -0.91 16.93
CA PRO B 71 -2.52 -2.22 16.77
C PRO B 71 -1.03 -2.01 17.12
N PRO B 72 -0.26 -3.09 17.28
CA PRO B 72 1.16 -2.88 17.62
C PRO B 72 1.87 -1.92 16.66
N GLY B 73 2.58 -0.95 17.20
CA GLY B 73 3.30 -0.03 16.34
C GLY B 73 2.53 1.22 15.93
N TRP B 74 1.30 1.37 16.40
CA TRP B 74 0.52 2.55 16.05
C TRP B 74 1.27 3.82 16.56
N ARG B 75 1.04 4.94 15.89
CA ARG B 75 1.73 6.20 16.26
C ARG B 75 0.76 7.38 16.41
N LYS B 76 0.83 8.07 17.56
CA LYS B 76 -0.03 9.24 17.81
C LYS B 76 0.18 10.29 16.71
N ASP B 77 1.42 10.42 16.28
CA ASP B 77 1.81 11.36 15.23
C ASP B 77 1.01 11.14 13.93
N TRP B 78 0.45 9.96 13.77
CA TRP B 78 -0.29 9.64 12.55
C TRP B 78 -1.80 9.83 12.68
N HIS B 79 -2.20 10.49 13.76
CA HIS B 79 -3.61 10.80 14.00
C HIS B 79 -3.67 12.33 13.83
N VAL B 80 -3.81 12.72 12.57
CA VAL B 80 -3.77 14.13 12.16
C VAL B 80 -5.08 14.92 12.03
N GLY B 81 -5.29 15.88 12.93
CA GLY B 81 -6.49 16.68 12.82
C GLY B 81 -6.23 18.10 12.32
N VAL B 82 -7.31 18.83 12.01
CA VAL B 82 -7.24 20.22 11.60
C VAL B 82 -8.24 20.95 12.49
N ARG B 83 -7.80 22.06 13.09
CA ARG B 83 -8.65 22.84 13.98
C ARG B 83 -8.89 24.24 13.39
N VAL B 84 -10.08 24.79 13.60
CA VAL B 84 -10.32 26.14 13.14
C VAL B 84 -9.68 27.00 14.25
N LYS B 85 -8.83 27.95 13.88
CA LYS B 85 -8.11 28.76 14.89
C LYS B 85 -9.02 29.59 15.79
N SER B 86 -10.06 30.16 15.19
CA SER B 86 -10.98 31.01 15.94
C SER B 86 -11.48 30.37 17.22
N THR B 87 -12.03 29.15 17.14
CA THR B 87 -12.57 28.46 18.31
C THR B 87 -11.85 27.22 18.80
N GLY B 88 -10.87 26.72 18.01
CA GLY B 88 -10.16 25.51 18.40
C GLY B 88 -10.94 24.23 18.05
N LYS B 89 -12.11 24.38 17.43
CA LYS B 89 -12.92 23.22 17.07
C LYS B 89 -12.28 22.34 16.01
N LEU B 90 -12.38 21.01 16.21
CA LEU B 90 -11.86 19.99 15.29
C LEU B 90 -12.76 19.98 14.06
N VAL B 91 -12.18 20.16 12.88
CA VAL B 91 -12.99 20.19 11.67
C VAL B 91 -12.59 19.19 10.59
N ALA B 92 -11.45 18.53 10.76
CA ALA B 92 -11.03 17.53 9.80
C ALA B 92 -10.05 16.57 10.48
N PHE B 93 -9.93 15.37 9.91
CA PHE B 93 -9.06 14.34 10.47
C PHE B 93 -8.66 13.34 9.42
N ILE B 94 -7.51 12.70 9.62
CA ILE B 94 -7.05 11.64 8.76
C ILE B 94 -6.08 10.79 9.59
N ALA B 95 -6.12 9.47 9.39
CA ALA B 95 -5.24 8.56 10.11
C ALA B 95 -4.43 7.61 9.21
N ALA B 96 -3.28 7.16 9.73
CA ALA B 96 -2.49 6.14 9.06
C ALA B 96 -2.17 5.11 10.20
N THR B 97 -2.43 3.85 9.90
CA THR B 97 -2.20 2.70 10.80
C THR B 97 -1.24 1.76 10.05
N PRO B 98 -0.19 1.27 10.72
CA PRO B 98 0.78 0.36 10.06
C PRO B 98 0.20 -0.96 9.59
N VAL B 99 0.63 -1.43 8.43
CA VAL B 99 0.16 -2.70 7.90
C VAL B 99 1.23 -3.22 6.93
N THR B 100 1.31 -4.55 6.76
CA THR B 100 2.27 -5.15 5.81
C THR B 100 1.47 -5.88 4.72
N PHE B 101 1.74 -5.60 3.46
CA PHE B 101 1.02 -6.27 2.36
C PHE B 101 2.03 -7.15 1.60
N LYS B 102 1.49 -8.06 0.80
CA LYS B 102 2.35 -8.88 -0.03
C LYS B 102 1.65 -9.02 -1.36
N LEU B 103 2.40 -8.81 -2.44
CA LEU B 103 1.86 -8.93 -3.79
C LEU B 103 2.31 -10.32 -4.21
N ASN B 104 1.39 -11.27 -4.19
CA ASN B 104 1.72 -12.65 -4.51
C ASN B 104 2.34 -12.91 -5.88
N LYS B 105 1.80 -12.29 -6.93
CA LYS B 105 2.32 -12.53 -8.28
C LYS B 105 3.82 -12.21 -8.37
N SER B 106 4.23 -11.05 -7.88
CA SER B 106 5.62 -10.65 -7.95
C SER B 106 6.39 -11.00 -6.68
N ASN B 107 5.70 -11.65 -5.76
CA ASN B 107 6.32 -12.05 -4.49
C ASN B 107 6.95 -10.89 -3.72
N LYS B 108 6.37 -9.71 -3.80
CA LYS B 108 6.92 -8.57 -3.08
C LYS B 108 6.20 -8.30 -1.76
N VAL B 109 6.96 -8.12 -0.70
CA VAL B 109 6.42 -7.80 0.60
C VAL B 109 6.70 -6.32 0.84
N ILE B 110 5.67 -5.58 1.21
CA ILE B 110 5.85 -4.15 1.44
C ILE B 110 5.27 -3.65 2.76
N ASP B 111 6.15 -3.09 3.60
CA ASP B 111 5.70 -2.49 4.86
C ASP B 111 5.05 -1.14 4.48
N SER B 112 3.78 -1.00 4.80
CA SER B 112 3.04 0.20 4.44
C SER B 112 2.18 0.69 5.54
N VAL B 113 1.10 1.31 5.12
CA VAL B 113 0.21 1.89 6.05
C VAL B 113 -1.16 1.92 5.40
N GLU B 114 -2.19 1.91 6.23
CA GLU B 114 -3.54 2.03 5.69
C GLU B 114 -4.04 3.42 6.09
N ILE B 115 -4.56 4.17 5.13
CA ILE B 115 -5.02 5.53 5.39
C ILE B 115 -6.53 5.49 5.52
N ASN B 116 -7.06 5.94 6.66
CA ASN B 116 -8.50 5.93 6.83
C ASN B 116 -9.02 7.02 7.78
N PHE B 117 -10.31 6.97 8.09
CA PHE B 117 -10.97 7.99 8.93
C PHE B 117 -10.71 9.42 8.40
N LEU B 118 -10.70 9.55 7.08
CA LEU B 118 -10.52 10.83 6.41
C LEU B 118 -11.87 11.54 6.58
N CYS B 119 -11.93 12.49 7.49
CA CYS B 119 -13.20 13.17 7.72
C CYS B 119 -13.08 14.67 7.61
N ILE B 120 -14.03 15.28 6.91
CA ILE B 120 -14.07 16.74 6.73
C ILE B 120 -15.46 17.27 7.15
N HIS B 121 -15.48 18.32 7.96
CA HIS B 121 -16.74 18.91 8.38
C HIS B 121 -17.58 19.21 7.12
N LYS B 122 -18.88 19.03 7.20
CA LYS B 122 -19.75 19.30 6.05
C LYS B 122 -19.74 20.71 5.53
N LYS B 123 -19.41 21.69 6.37
CA LYS B 123 -19.37 23.07 5.90
C LYS B 123 -18.05 23.39 5.20
N LEU B 124 -17.09 22.46 5.25
CA LEU B 124 -15.79 22.73 4.65
C LEU B 124 -15.52 21.87 3.43
N ARG B 125 -16.60 21.31 2.87
CA ARG B 125 -16.48 20.44 1.71
C ARG B 125 -15.97 21.10 0.45
N ASN B 126 -16.01 22.42 0.39
CA ASN B 126 -15.57 23.12 -0.82
C ASN B 126 -14.17 23.73 -0.67
N LYS B 127 -13.44 23.32 0.36
CA LYS B 127 -12.11 23.87 0.60
C LYS B 127 -11.00 22.98 0.04
N ARG B 128 -11.37 21.91 -0.67
CA ARG B 128 -10.38 21.00 -1.26
C ARG B 128 -9.38 20.49 -0.21
N LEU B 129 -9.89 20.10 0.96
CA LEU B 129 -9.04 19.63 2.07
C LEU B 129 -8.57 18.19 1.98
N ALA B 130 -9.33 17.29 1.33
CA ALA B 130 -8.90 15.90 1.23
C ALA B 130 -7.46 15.74 0.67
N PRO B 131 -7.20 16.29 -0.52
CA PRO B 131 -5.82 16.16 -1.04
C PRO B 131 -4.75 16.72 -0.06
N VAL B 132 -5.12 17.74 0.71
CA VAL B 132 -4.16 18.29 1.66
C VAL B 132 -3.94 17.30 2.82
N LEU B 133 -5.01 16.63 3.24
CA LEU B 133 -4.90 15.69 4.36
C LEU B 133 -4.02 14.51 3.97
N ILE B 134 -4.21 14.06 2.74
CA ILE B 134 -3.48 12.94 2.20
C ILE B 134 -2.00 13.27 2.02
N LYS B 135 -1.71 14.47 1.57
CA LYS B 135 -0.33 14.91 1.41
C LYS B 135 0.37 14.98 2.76
N GLU B 136 -0.34 15.50 3.77
CA GLU B 136 0.28 15.65 5.07
C GLU B 136 0.52 14.32 5.80
N ILE B 137 -0.45 13.42 5.76
CA ILE B 137 -0.27 12.12 6.45
C ILE B 137 0.82 11.34 5.69
N THR B 138 0.83 11.47 4.37
CA THR B 138 1.84 10.85 3.53
C THR B 138 3.23 11.40 3.86
N ARG B 139 3.32 12.70 4.15
CA ARG B 139 4.58 13.30 4.49
C ARG B 139 5.04 12.66 5.81
N ARG B 140 4.14 12.60 6.79
CA ARG B 140 4.49 12.03 8.08
C ARG B 140 4.96 10.58 8.01
N VAL B 141 4.35 9.77 7.16
CA VAL B 141 4.79 8.39 7.07
C VAL B 141 6.08 8.24 6.26
N ASN B 142 6.26 9.07 5.22
CA ASN B 142 7.50 9.07 4.41
C ASN B 142 8.67 9.38 5.34
N LYS B 143 8.42 10.20 6.35
CA LYS B 143 9.45 10.57 7.32
C LYS B 143 9.86 9.33 8.10
N GLN B 144 8.93 8.39 8.22
CA GLN B 144 9.22 7.15 8.92
C GLN B 144 9.70 6.10 7.92
N ASN B 145 10.12 6.55 6.75
CA ASN B 145 10.62 5.65 5.73
C ASN B 145 9.59 4.64 5.20
N ILE B 146 8.31 5.02 5.10
CA ILE B 146 7.29 4.13 4.55
C ILE B 146 6.89 4.87 3.29
N TRP B 147 6.89 4.18 2.15
CA TRP B 147 6.63 4.84 0.87
C TRP B 147 5.42 4.39 0.06
N GLN B 148 4.64 3.46 0.60
CA GLN B 148 3.42 2.98 -0.05
C GLN B 148 2.26 3.04 0.97
N ALA B 149 1.09 3.39 0.49
CA ALA B 149 -0.04 3.46 1.38
C ALA B 149 -1.27 2.96 0.70
N LEU B 150 -2.13 2.31 1.48
CA LEU B 150 -3.38 1.82 0.94
C LEU B 150 -4.47 2.75 1.41
N TYR B 151 -5.35 3.12 0.48
CA TYR B 151 -6.48 4.00 0.77
C TYR B 151 -7.68 3.41 0.06
N THR B 152 -8.84 3.43 0.70
CA THR B 152 -10.03 2.85 0.10
C THR B 152 -11.22 3.77 0.31
N GLY B 153 -12.18 3.73 -0.60
CA GLY B 153 -13.38 4.54 -0.46
C GLY B 153 -14.23 4.50 -1.70
N GLY B 154 -15.38 5.17 -1.65
CA GLY B 154 -16.25 5.21 -2.81
C GLY B 154 -15.77 6.28 -3.80
N SER B 155 -14.89 7.18 -3.35
CA SER B 155 -14.38 8.25 -4.21
C SER B 155 -13.63 7.65 -5.39
N ILE B 156 -13.72 8.32 -6.52
CA ILE B 156 -13.06 7.87 -7.72
C ILE B 156 -11.75 8.66 -7.96
N LEU B 157 -10.61 8.03 -7.62
CA LEU B 157 -9.28 8.60 -7.84
C LEU B 157 -8.61 7.80 -8.98
N PRO B 158 -7.43 8.22 -9.44
CA PRO B 158 -6.81 7.45 -10.53
C PRO B 158 -6.25 6.05 -10.22
N THR B 159 -6.33 5.19 -11.23
CA THR B 159 -5.81 3.83 -11.17
C THR B 159 -6.15 2.96 -9.97
N PRO B 160 -7.45 2.64 -9.79
CA PRO B 160 -7.67 1.78 -8.61
C PRO B 160 -7.10 0.37 -8.84
N LEU B 161 -6.70 -0.30 -7.76
CA LEU B 161 -6.25 -1.68 -7.85
C LEU B 161 -7.40 -2.41 -8.56
N THR B 162 -8.62 -2.13 -8.10
CA THR B 162 -9.84 -2.69 -8.68
C THR B 162 -11.05 -2.13 -7.90
N THR B 163 -12.23 -2.69 -8.09
CA THR B 163 -13.43 -2.22 -7.40
C THR B 163 -14.29 -3.43 -7.01
N CYS B 164 -14.70 -3.47 -5.74
CA CYS B 164 -15.55 -4.56 -5.27
C CYS B 164 -16.89 -3.94 -4.95
N ARG B 165 -17.89 -4.78 -4.78
CA ARG B 165 -19.24 -4.29 -4.51
C ARG B 165 -19.74 -4.81 -3.16
N TYR B 166 -20.50 -3.98 -2.45
CA TYR B 166 -21.05 -4.39 -1.15
C TYR B 166 -22.17 -5.41 -1.28
N GLN B 167 -22.27 -6.29 -0.28
CA GLN B 167 -23.29 -7.33 -0.25
C GLN B 167 -23.91 -7.33 1.13
N HIS B 168 -25.19 -7.69 1.21
CA HIS B 168 -25.86 -7.69 2.50
C HIS B 168 -26.66 -8.95 2.70
N ARG B 169 -26.59 -9.49 3.90
CA ARG B 169 -27.34 -10.67 4.21
C ARG B 169 -28.26 -10.37 5.41
N PRO B 170 -29.53 -10.06 5.14
CA PRO B 170 -30.47 -9.76 6.22
C PRO B 170 -30.52 -10.86 7.29
N ILE B 171 -30.43 -10.46 8.55
CA ILE B 171 -30.51 -11.42 9.65
C ILE B 171 -31.87 -11.18 10.32
N ASN B 172 -32.24 -9.91 10.52
CA ASN B 172 -33.53 -9.54 11.10
C ASN B 172 -34.25 -8.61 10.11
N TRP B 173 -34.79 -9.21 9.06
CA TRP B 173 -35.44 -8.45 8.01
C TRP B 173 -36.50 -7.46 8.47
N SER B 174 -37.38 -7.90 9.35
CA SER B 174 -38.45 -7.02 9.81
C SER B 174 -37.90 -5.67 10.30
N LYS B 175 -36.85 -5.72 11.10
CA LYS B 175 -36.24 -4.50 11.63
C LYS B 175 -35.53 -3.72 10.53
N LEU B 176 -34.87 -4.41 9.63
CA LEU B 176 -34.21 -3.73 8.54
C LEU B 176 -35.25 -3.01 7.71
N HIS B 177 -36.45 -3.57 7.65
CA HIS B 177 -37.52 -2.97 6.89
C HIS B 177 -38.12 -1.80 7.65
N ASP B 178 -38.29 -1.97 8.96
CA ASP B 178 -38.88 -0.91 9.77
C ASP B 178 -38.04 0.37 9.72
N VAL B 179 -36.72 0.24 9.64
CA VAL B 179 -35.86 1.41 9.60
C VAL B 179 -35.51 1.88 8.20
N GLY B 180 -36.02 1.25 7.16
CA GLY B 180 -35.71 1.73 5.83
C GLY B 180 -34.46 1.19 5.15
N PHE B 181 -33.80 0.19 5.74
CA PHE B 181 -32.62 -0.40 5.12
C PHE B 181 -32.98 -1.34 3.98
N SER B 182 -33.98 -2.20 4.20
CA SER B 182 -34.44 -3.19 3.21
C SER B 182 -35.82 -2.86 2.69
N HIS B 183 -36.07 -3.12 1.42
CA HIS B 183 -37.39 -2.85 0.83
C HIS B 183 -38.16 -4.12 0.52
N LEU B 184 -39.48 -4.04 0.52
CA LEU B 184 -40.29 -5.21 0.23
C LEU B 184 -40.39 -5.39 -1.27
N PRO B 185 -39.79 -6.47 -1.83
CA PRO B 185 -39.86 -6.69 -3.27
C PRO B 185 -41.32 -6.78 -3.77
N PRO B 186 -41.54 -6.43 -5.05
CA PRO B 186 -42.81 -6.42 -5.79
C PRO B 186 -43.92 -7.37 -5.33
N ASN B 187 -43.77 -8.65 -5.64
CA ASN B 187 -44.80 -9.61 -5.28
C ASN B 187 -44.43 -10.41 -4.03
N GLN B 188 -44.11 -9.68 -2.97
CA GLN B 188 -43.71 -10.30 -1.71
C GLN B 188 -44.41 -9.66 -0.53
N THR B 189 -44.42 -10.35 0.60
CA THR B 189 -45.02 -9.79 1.81
C THR B 189 -43.91 -9.76 2.85
N LYS B 190 -44.14 -9.03 3.93
CA LYS B 190 -43.15 -8.96 4.98
C LYS B 190 -42.94 -10.38 5.50
N SER B 191 -44.02 -11.15 5.54
CA SER B 191 -43.98 -12.54 5.99
C SER B 191 -43.11 -13.43 5.13
N SER B 192 -43.28 -13.36 3.81
CA SER B 192 -42.46 -14.22 2.95
C SER B 192 -41.01 -13.86 3.13
N MET B 193 -40.69 -12.56 3.15
CA MET B 193 -39.31 -12.13 3.32
C MET B 193 -38.66 -12.67 4.59
N VAL B 194 -39.32 -12.47 5.72
CA VAL B 194 -38.82 -12.96 7.00
C VAL B 194 -38.59 -14.46 6.93
N ALA B 195 -39.60 -15.19 6.46
CA ALA B 195 -39.50 -16.63 6.37
C ALA B 195 -38.31 -17.03 5.52
N SER B 196 -38.08 -16.31 4.41
CA SER B 196 -36.97 -16.66 3.54
C SER B 196 -35.58 -16.46 4.15
N TYR B 197 -35.49 -15.70 5.24
CA TYR B 197 -34.19 -15.42 5.86
C TYR B 197 -33.96 -16.12 7.17
N THR B 198 -34.94 -16.90 7.64
CA THR B 198 -34.75 -17.60 8.91
C THR B 198 -33.54 -18.51 8.83
N LEU B 199 -32.84 -18.63 9.96
CA LEU B 199 -31.64 -19.44 10.06
C LEU B 199 -31.66 -20.25 11.35
N PRO B 200 -30.88 -21.33 11.39
CA PRO B 200 -30.80 -22.17 12.59
C PRO B 200 -30.35 -21.28 13.73
N ASN B 201 -30.50 -21.75 14.97
CA ASN B 201 -30.04 -20.99 16.11
C ASN B 201 -28.68 -21.49 16.53
N ASN B 202 -28.31 -22.65 16.00
CA ASN B 202 -27.04 -23.25 16.39
C ASN B 202 -26.12 -23.55 15.23
N PRO B 203 -24.81 -23.28 15.40
CA PRO B 203 -23.88 -23.56 14.30
C PRO B 203 -23.91 -25.05 13.95
N LYS B 204 -23.73 -25.34 12.67
CA LYS B 204 -23.76 -26.67 12.13
C LYS B 204 -22.45 -27.48 12.14
N LEU B 205 -21.31 -26.82 11.89
CA LEU B 205 -20.04 -27.53 11.87
C LEU B 205 -19.57 -28.06 13.20
N LYS B 206 -19.15 -29.32 13.20
CA LYS B 206 -18.64 -29.96 14.40
C LYS B 206 -17.24 -29.46 14.65
N GLY B 207 -16.93 -29.21 15.90
CA GLY B 207 -15.60 -28.74 16.24
C GLY B 207 -15.47 -27.23 16.13
N LEU B 208 -16.58 -26.54 15.83
CA LEU B 208 -16.55 -25.09 15.74
C LEU B 208 -16.51 -24.52 17.15
N ARG B 209 -15.57 -23.62 17.39
CA ARG B 209 -15.47 -23.00 18.70
C ARG B 209 -14.78 -21.66 18.51
N PRO B 210 -14.86 -20.77 19.52
CA PRO B 210 -14.22 -19.45 19.44
C PRO B 210 -12.70 -19.63 19.45
N MET B 211 -12.00 -18.80 18.68
CA MET B 211 -10.54 -18.82 18.59
C MET B 211 -9.99 -18.25 19.87
N THR B 212 -8.80 -18.69 20.29
CA THR B 212 -8.17 -18.14 21.50
C THR B 212 -6.73 -17.79 21.18
N GLY B 213 -6.03 -17.23 22.15
CA GLY B 213 -4.63 -16.88 21.93
C GLY B 213 -3.76 -18.05 21.50
N LYS B 214 -4.05 -19.24 22.02
CA LYS B 214 -3.27 -20.43 21.69
C LYS B 214 -3.42 -20.87 20.23
N ASP B 215 -4.44 -20.38 19.54
CA ASP B 215 -4.62 -20.76 18.16
C ASP B 215 -3.92 -19.85 17.17
N VAL B 216 -3.37 -18.74 17.65
CA VAL B 216 -2.77 -17.77 16.74
C VAL B 216 -1.77 -18.26 15.68
N SER B 217 -0.76 -19.02 16.08
CA SER B 217 0.21 -19.46 15.09
C SER B 217 -0.38 -20.44 14.11
N THR B 218 -1.25 -21.32 14.60
CA THR B 218 -1.84 -22.33 13.73
C THR B 218 -2.77 -21.71 12.69
N VAL B 219 -3.59 -20.75 13.15
CA VAL B 219 -4.53 -20.08 12.26
C VAL B 219 -3.74 -19.27 11.23
N LEU B 220 -2.73 -18.57 11.72
CA LEU B 220 -1.91 -17.75 10.84
C LEU B 220 -1.36 -18.59 9.69
N SER B 221 -0.83 -19.78 10.00
CA SER B 221 -0.28 -20.65 8.96
C SER B 221 -1.39 -21.11 8.03
N LEU B 222 -2.56 -21.41 8.60
CA LEU B 222 -3.68 -21.82 7.77
C LEU B 222 -4.04 -20.67 6.80
N LEU B 223 -4.18 -19.44 7.31
CA LEU B 223 -4.51 -18.29 6.47
C LEU B 223 -3.43 -18.07 5.40
N TYR B 224 -2.16 -18.19 5.79
CA TYR B 224 -1.05 -17.99 4.84
C TYR B 224 -1.09 -18.97 3.66
N LYS B 225 -1.31 -20.26 3.94
CA LYS B 225 -1.40 -21.25 2.87
C LYS B 225 -2.62 -20.91 2.01
N TYR B 226 -3.74 -20.66 2.69
CA TYR B 226 -4.96 -20.35 1.97
C TYR B 226 -4.91 -19.10 1.09
N GLN B 227 -4.44 -17.99 1.63
CA GLN B 227 -4.48 -16.74 0.84
C GLN B 227 -3.53 -16.62 -0.34
N GLU B 228 -2.80 -17.70 -0.63
CA GLU B 228 -1.86 -17.70 -1.76
C GLU B 228 -2.60 -17.44 -3.07
N ARG B 229 -3.90 -17.76 -3.09
CA ARG B 229 -4.77 -17.59 -4.26
C ARG B 229 -5.16 -16.15 -4.61
N PHE B 230 -5.01 -15.21 -3.67
CA PHE B 230 -5.36 -13.81 -3.97
C PHE B 230 -4.10 -13.07 -4.47
N ASP B 231 -4.30 -11.90 -5.09
CA ASP B 231 -3.19 -11.12 -5.64
C ASP B 231 -2.51 -10.29 -4.57
N ILE B 232 -3.32 -9.66 -3.72
CA ILE B 232 -2.76 -8.85 -2.66
C ILE B 232 -3.31 -9.32 -1.33
N VAL B 233 -2.41 -9.58 -0.38
CA VAL B 233 -2.80 -10.05 0.94
C VAL B 233 -2.04 -9.29 2.04
N GLN B 234 -2.40 -9.61 3.27
CA GLN B 234 -1.78 -8.98 4.42
C GLN B 234 -0.95 -10.00 5.19
N LEU B 235 0.19 -9.56 5.72
CA LEU B 235 1.03 -10.44 6.54
C LEU B 235 1.01 -9.85 7.96
N PHE B 236 1.09 -10.70 8.97
CA PHE B 236 1.05 -10.23 10.34
C PHE B 236 2.13 -10.88 11.16
N THR B 237 2.56 -10.22 12.21
CA THR B 237 3.48 -10.83 13.16
C THR B 237 2.41 -11.54 14.04
N GLU B 238 2.83 -12.38 14.96
CA GLU B 238 1.85 -13.05 15.79
C GLU B 238 1.17 -12.08 16.73
N GLU B 239 1.90 -11.07 17.17
CA GLU B 239 1.33 -10.07 18.05
C GLU B 239 0.26 -9.27 17.26
N GLU B 240 0.51 -8.95 15.99
CA GLU B 240 -0.49 -8.22 15.21
C GLU B 240 -1.73 -9.08 14.95
N PHE B 241 -1.54 -10.34 14.56
CA PHE B 241 -2.68 -11.21 14.25
C PHE B 241 -3.56 -11.37 15.50
N LYS B 242 -2.88 -11.51 16.62
CA LYS B 242 -3.59 -11.64 17.88
C LYS B 242 -4.46 -10.40 18.12
N HIS B 243 -3.88 -9.21 17.94
CA HIS B 243 -4.64 -7.97 18.14
C HIS B 243 -5.86 -7.89 17.23
N TRP B 244 -5.66 -8.10 15.92
CA TRP B 244 -6.73 -8.01 14.95
C TRP B 244 -7.80 -9.09 15.04
N MET B 245 -7.43 -10.28 15.52
CA MET B 245 -8.38 -11.37 15.63
C MET B 245 -9.07 -11.47 16.98
N LEU B 246 -8.38 -11.06 18.04
CA LEU B 246 -8.96 -11.17 19.39
C LEU B 246 -9.24 -9.88 20.19
N GLY B 247 -8.77 -8.74 19.70
CA GLY B 247 -9.02 -7.49 20.41
C GLY B 247 -7.79 -6.87 21.03
N HIS B 248 -7.93 -5.62 21.47
CA HIS B 248 -6.81 -4.88 22.05
C HIS B 248 -6.38 -5.47 23.38
N ASP B 249 -7.34 -5.90 24.19
CA ASP B 249 -7.05 -6.44 25.51
C ASP B 249 -7.06 -7.96 25.55
N GLU B 250 -5.91 -8.54 25.81
CA GLU B 250 -5.81 -9.98 25.85
C GLU B 250 -6.68 -10.65 26.91
N ASN B 251 -6.92 -10.00 28.05
CA ASN B 251 -7.75 -10.68 29.05
C ASN B 251 -9.23 -10.29 29.12
N SER B 252 -9.85 -10.05 27.97
CA SER B 252 -11.28 -9.74 27.94
C SER B 252 -11.86 -10.04 26.56
N ASP B 253 -12.88 -10.90 26.53
CA ASP B 253 -13.50 -11.27 25.26
C ASP B 253 -13.91 -10.01 24.48
N SER B 254 -13.49 -9.93 23.22
CA SER B 254 -13.81 -8.78 22.39
C SER B 254 -15.27 -8.64 21.98
N ASN B 255 -15.79 -7.41 21.99
CA ASN B 255 -17.16 -7.16 21.55
C ASN B 255 -17.14 -6.58 20.15
N VAL B 256 -15.92 -6.49 19.60
CA VAL B 256 -15.70 -5.92 18.28
C VAL B 256 -15.33 -6.95 17.21
N VAL B 257 -14.35 -7.82 17.49
CA VAL B 257 -13.96 -8.89 16.54
C VAL B 257 -14.39 -10.25 17.06
N LYS B 258 -15.00 -11.05 16.21
CA LYS B 258 -15.45 -12.38 16.61
C LYS B 258 -14.72 -13.33 15.70
N SER B 259 -13.89 -14.16 16.30
CA SER B 259 -13.08 -15.12 15.55
C SER B 259 -13.36 -16.56 15.98
N TYR B 260 -13.59 -17.43 15.00
CA TYR B 260 -13.88 -18.85 15.27
C TYR B 260 -12.99 -19.81 14.49
N VAL B 261 -12.75 -20.97 15.07
CA VAL B 261 -11.95 -22.01 14.41
C VAL B 261 -12.77 -23.31 14.39
N VAL B 262 -12.43 -24.19 13.45
CA VAL B 262 -13.10 -25.49 13.35
C VAL B 262 -12.00 -26.54 13.46
N GLU B 263 -12.00 -27.32 14.52
CA GLU B 263 -10.98 -28.36 14.62
C GLU B 263 -11.68 -29.67 14.43
N ASP B 264 -11.11 -30.51 13.57
CA ASP B 264 -11.66 -31.83 13.26
C ASP B 264 -11.65 -32.81 14.42
N GLU B 265 -12.13 -34.02 14.12
CA GLU B 265 -12.22 -35.10 15.10
C GLU B 265 -10.90 -35.33 15.86
N ASN B 266 -9.77 -35.07 15.23
CA ASN B 266 -8.48 -35.27 15.88
C ASN B 266 -7.84 -34.01 16.49
N GLY B 267 -8.62 -32.94 16.63
CA GLY B 267 -8.13 -31.70 17.23
C GLY B 267 -7.36 -30.70 16.37
N ILE B 268 -7.23 -30.99 15.08
CA ILE B 268 -6.51 -30.15 14.13
C ILE B 268 -7.41 -29.07 13.53
N ILE B 269 -6.96 -27.81 13.55
CA ILE B 269 -7.74 -26.70 12.99
C ILE B 269 -7.75 -26.82 11.47
N THR B 270 -8.93 -26.94 10.87
CA THR B 270 -9.08 -27.08 9.42
C THR B 270 -9.72 -25.85 8.75
N ASP B 271 -10.41 -25.02 9.53
CA ASP B 271 -11.03 -23.82 8.97
C ASP B 271 -11.10 -22.76 10.07
N TYR B 272 -11.33 -21.53 9.64
CA TYR B 272 -11.47 -20.42 10.58
C TYR B 272 -12.10 -19.25 9.82
N PHE B 273 -12.81 -18.41 10.56
CA PHE B 273 -13.43 -17.20 10.01
C PHE B 273 -13.48 -16.13 11.08
N SER B 274 -13.63 -14.88 10.66
CA SER B 274 -13.72 -13.78 11.61
C SER B 274 -14.53 -12.65 11.01
N TYR B 275 -15.19 -11.88 11.86
CA TYR B 275 -15.97 -10.76 11.40
C TYR B 275 -15.94 -9.71 12.50
N TYR B 276 -16.15 -8.45 12.15
CA TYR B 276 -16.14 -7.43 13.19
C TYR B 276 -17.49 -6.75 13.23
N LEU B 277 -17.81 -6.21 14.41
CA LEU B 277 -19.08 -5.52 14.66
C LEU B 277 -18.92 -3.99 14.63
N LEU B 278 -19.79 -3.32 13.88
CA LEU B 278 -19.80 -1.86 13.81
C LEU B 278 -21.25 -1.43 13.54
N PRO B 279 -22.00 -1.13 14.62
CA PRO B 279 -23.41 -0.72 14.52
C PRO B 279 -23.62 0.67 13.96
N PHE B 280 -24.86 0.95 13.61
CA PHE B 280 -25.22 2.26 13.13
C PHE B 280 -26.17 2.75 14.22
N THR B 281 -26.14 4.05 14.49
CA THR B 281 -27.11 4.64 15.40
C THR B 281 -28.22 4.97 14.41
N VAL B 282 -29.48 4.75 14.81
CA VAL B 282 -30.59 5.04 13.90
C VAL B 282 -31.36 6.24 14.38
N LEU B 283 -31.58 7.21 13.50
CA LEU B 283 -32.31 8.42 13.85
C LEU B 283 -33.73 8.45 13.28
N ASP B 284 -34.63 9.10 14.04
CA ASP B 284 -36.02 9.28 13.61
C ASP B 284 -36.90 8.07 13.43
N ASN B 285 -36.68 7.03 14.21
CA ASN B 285 -37.53 5.85 14.12
C ASN B 285 -38.08 5.64 15.54
N ALA B 286 -39.38 5.52 15.69
CA ALA B 286 -39.96 5.37 17.01
C ALA B 286 -39.61 4.10 17.81
N GLN B 287 -39.23 3.01 17.17
CA GLN B 287 -38.90 1.83 18.01
C GLN B 287 -37.47 1.50 18.10
N HIS B 288 -36.72 1.75 17.02
CA HIS B 288 -35.30 1.38 17.00
C HIS B 288 -34.31 2.54 17.07
N ASP B 289 -33.27 2.35 17.85
CA ASP B 289 -32.21 3.34 18.03
C ASP B 289 -30.88 2.87 17.45
N GLU B 290 -30.72 1.56 17.34
CA GLU B 290 -29.50 0.99 16.82
C GLU B 290 -29.74 -0.15 15.82
N LEU B 291 -28.82 -0.27 14.86
CA LEU B 291 -28.89 -1.32 13.86
C LEU B 291 -27.58 -2.11 13.98
N GLY B 292 -27.68 -3.39 14.40
CA GLY B 292 -26.49 -4.22 14.53
C GLY B 292 -25.98 -4.65 13.16
N ILE B 293 -24.71 -4.37 12.88
CA ILE B 293 -24.09 -4.71 11.61
C ILE B 293 -22.79 -5.50 11.82
N ALA B 294 -22.58 -6.54 11.02
CA ALA B 294 -21.34 -7.32 11.08
C ALA B 294 -20.69 -7.18 9.71
N TYR B 295 -19.38 -7.33 9.67
CA TYR B 295 -18.64 -7.23 8.44
C TYR B 295 -17.68 -8.42 8.37
N LEU B 296 -17.78 -9.21 7.30
CA LEU B 296 -16.89 -10.34 7.12
C LEU B 296 -15.46 -9.83 7.10
N PHE B 297 -14.61 -10.50 7.88
CA PHE B 297 -13.20 -10.13 8.02
C PHE B 297 -12.34 -11.15 7.26
N TYR B 298 -11.39 -11.78 7.94
CA TYR B 298 -10.54 -12.82 7.31
C TYR B 298 -11.03 -14.25 7.61
N TYR B 299 -10.77 -15.15 6.68
CA TYR B 299 -11.15 -16.55 6.82
C TYR B 299 -10.26 -17.46 6.00
N ALA B 300 -10.34 -18.77 6.28
CA ALA B 300 -9.52 -19.71 5.52
C ALA B 300 -10.01 -21.12 5.74
N SER B 301 -9.81 -21.97 4.73
CA SER B 301 -10.23 -23.36 4.81
C SER B 301 -9.22 -24.35 4.20
N ASP B 302 -9.21 -25.56 4.78
CA ASP B 302 -8.39 -26.74 4.37
C ASP B 302 -8.75 -27.14 2.97
N SER B 303 -10.04 -27.26 2.80
CA SER B 303 -10.67 -27.73 1.60
C SER B 303 -10.47 -27.01 0.30
N PHE B 304 -9.63 -25.99 0.25
CA PHE B 304 -9.50 -25.27 -1.03
C PHE B 304 -8.99 -26.11 -2.19
N GLU B 305 -8.27 -27.17 -1.89
CA GLU B 305 -7.77 -28.04 -2.94
C GLU B 305 -8.73 -29.20 -3.23
N LYS B 306 -9.54 -29.57 -2.24
CA LYS B 306 -10.47 -30.67 -2.39
C LYS B 306 -11.72 -30.27 -3.20
N PRO B 307 -12.57 -31.24 -3.57
CA PRO B 307 -13.78 -30.99 -4.36
C PRO B 307 -14.99 -30.44 -3.59
N ASN B 308 -15.02 -30.60 -2.27
CA ASN B 308 -16.13 -30.08 -1.49
C ASN B 308 -15.83 -28.62 -1.05
N TYR B 309 -14.85 -27.98 -1.69
CA TYR B 309 -14.47 -26.62 -1.30
C TYR B 309 -15.63 -25.61 -1.24
N LYS B 310 -16.30 -25.41 -2.36
CA LYS B 310 -17.41 -24.47 -2.38
C LYS B 310 -18.43 -24.76 -1.30
N LYS B 311 -18.85 -26.02 -1.18
CA LYS B 311 -19.84 -26.40 -0.19
C LYS B 311 -19.31 -26.09 1.21
N ARG B 312 -18.06 -26.43 1.47
CA ARG B 312 -17.43 -26.18 2.77
C ARG B 312 -17.40 -24.67 3.16
N LEU B 313 -17.07 -23.82 2.18
CA LEU B 313 -17.00 -22.38 2.40
C LEU B 313 -18.38 -21.85 2.74
N ASN B 314 -19.38 -22.28 1.97
CA ASN B 314 -20.76 -21.86 2.21
C ASN B 314 -21.22 -22.32 3.60
N GLU B 315 -20.69 -23.46 4.08
CA GLU B 315 -21.04 -24.00 5.41
C GLU B 315 -20.38 -23.11 6.47
N LEU B 316 -19.17 -22.68 6.17
CA LEU B 316 -18.43 -21.81 7.07
C LEU B 316 -19.16 -20.49 7.28
N ILE B 317 -19.54 -19.84 6.19
CA ILE B 317 -20.20 -18.55 6.27
C ILE B 317 -21.58 -18.67 6.91
N THR B 318 -22.28 -19.77 6.62
CA THR B 318 -23.58 -20.00 7.23
C THR B 318 -23.44 -20.03 8.74
N ASP B 319 -22.38 -20.68 9.25
CA ASP B 319 -22.17 -20.73 10.71
C ASP B 319 -21.76 -19.35 11.27
N ALA B 320 -21.12 -18.53 10.44
CA ALA B 320 -20.76 -17.17 10.83
C ALA B 320 -22.07 -16.38 11.00
N LEU B 321 -22.96 -16.48 9.99
CA LEU B 321 -24.27 -15.85 10.02
C LEU B 321 -25.00 -16.25 11.29
N ILE B 322 -25.03 -17.57 11.56
CA ILE B 322 -25.71 -18.11 12.74
C ILE B 322 -25.14 -17.58 14.04
N THR B 323 -23.81 -17.51 14.15
CA THR B 323 -23.22 -17.00 15.37
C THR B 323 -23.50 -15.53 15.60
N SER B 324 -23.67 -14.75 14.52
CA SER B 324 -23.88 -13.32 14.67
C SER B 324 -25.22 -13.01 15.32
N LYS B 325 -26.13 -13.97 15.25
CA LYS B 325 -27.43 -13.78 15.85
C LYS B 325 -27.34 -13.58 17.37
N LYS B 326 -26.29 -14.06 18.02
CA LYS B 326 -26.24 -13.86 19.47
C LYS B 326 -25.56 -12.54 19.86
N PHE B 327 -25.16 -11.75 18.87
CA PHE B 327 -24.52 -10.47 19.11
C PHE B 327 -25.35 -9.29 18.60
N GLY B 328 -26.65 -9.48 18.45
CA GLY B 328 -27.53 -8.41 17.99
C GLY B 328 -27.41 -7.99 16.54
N VAL B 329 -26.75 -8.81 15.72
CA VAL B 329 -26.57 -8.45 14.31
C VAL B 329 -27.88 -8.48 13.55
N ASP B 330 -28.16 -7.41 12.79
CA ASP B 330 -29.39 -7.30 12.01
C ASP B 330 -29.12 -7.54 10.54
N VAL B 331 -27.90 -7.24 10.10
CA VAL B 331 -27.48 -7.49 8.71
C VAL B 331 -26.04 -7.84 8.79
N PHE B 332 -25.63 -8.79 7.95
CA PHE B 332 -24.25 -9.26 7.90
C PHE B 332 -23.77 -8.84 6.54
N ASN B 333 -22.71 -8.05 6.52
CA ASN B 333 -22.19 -7.51 5.28
C ASN B 333 -20.86 -8.11 4.88
N CYS B 334 -20.53 -7.96 3.60
CA CYS B 334 -19.20 -8.34 3.10
C CYS B 334 -19.08 -7.70 1.73
N LEU B 335 -17.90 -7.74 1.15
CA LEU B 335 -17.68 -7.19 -0.18
C LEU B 335 -17.51 -8.39 -1.15
N THR B 336 -17.33 -8.15 -2.45
CA THR B 336 -17.15 -9.23 -3.43
C THR B 336 -15.66 -9.62 -3.60
N CYS B 337 -14.88 -9.34 -2.56
CA CYS B 337 -13.44 -9.64 -2.54
C CYS B 337 -13.17 -11.08 -2.07
N GLN B 338 -11.89 -11.47 -1.96
CA GLN B 338 -11.48 -12.83 -1.59
C GLN B 338 -12.26 -13.86 -2.43
N ASP B 339 -12.79 -14.92 -1.83
CA ASP B 339 -13.59 -15.91 -2.59
C ASP B 339 -15.05 -15.74 -2.22
N ASN B 340 -15.41 -14.55 -1.73
CA ASN B 340 -16.76 -14.26 -1.29
C ASN B 340 -17.89 -14.56 -2.29
N THR B 341 -17.60 -14.43 -3.59
CA THR B 341 -18.61 -14.71 -4.61
C THR B 341 -18.97 -16.19 -4.73
N TYR B 342 -18.25 -17.06 -3.99
CA TYR B 342 -18.54 -18.49 -3.97
C TYR B 342 -19.71 -18.78 -3.02
N PHE B 343 -20.02 -17.86 -2.09
CA PHE B 343 -21.10 -18.10 -1.13
C PHE B 343 -22.24 -17.10 -1.12
N LEU B 344 -22.10 -16.02 -1.88
CA LEU B 344 -23.14 -14.99 -1.89
C LEU B 344 -24.54 -15.51 -2.27
N LYS B 345 -24.60 -16.34 -3.31
CA LYS B 345 -25.89 -16.82 -3.77
C LYS B 345 -26.57 -17.81 -2.82
N ASP B 346 -25.87 -18.86 -2.42
CA ASP B 346 -26.49 -19.85 -1.55
C ASP B 346 -26.75 -19.30 -0.17
N CYS B 347 -25.91 -18.38 0.28
CA CYS B 347 -26.08 -17.82 1.61
C CYS B 347 -27.06 -16.65 1.64
N LYS B 348 -27.60 -16.29 0.49
CA LYS B 348 -28.59 -15.21 0.39
C LYS B 348 -28.12 -13.76 0.57
N PHE B 349 -26.91 -13.46 0.11
CA PHE B 349 -26.39 -12.10 0.19
C PHE B 349 -26.91 -11.40 -1.05
N GLY B 350 -27.51 -10.22 -0.89
CA GLY B 350 -27.99 -9.47 -2.02
C GLY B 350 -26.99 -8.35 -2.30
N SER B 351 -26.87 -7.94 -3.56
CA SER B 351 -25.97 -6.86 -3.95
C SER B 351 -26.51 -5.53 -3.50
N GLY B 352 -25.64 -4.67 -2.99
CA GLY B 352 -26.07 -3.35 -2.55
C GLY B 352 -25.66 -2.29 -3.57
N ASP B 353 -26.06 -1.05 -3.32
CA ASP B 353 -25.70 0.05 -4.23
C ASP B 353 -24.25 0.53 -4.06
N GLY B 354 -23.69 0.31 -2.88
CA GLY B 354 -22.31 0.70 -2.63
C GLY B 354 -21.20 -0.12 -3.25
N PHE B 355 -20.12 0.58 -3.59
CA PHE B 355 -18.94 0.01 -4.21
C PHE B 355 -17.74 0.51 -3.45
N LEU B 356 -16.65 -0.24 -3.47
CA LEU B 356 -15.44 0.17 -2.79
C LEU B 356 -14.28 0.13 -3.79
N ASN B 357 -13.49 1.22 -3.81
CA ASN B 357 -12.34 1.33 -4.69
C ASN B 357 -11.12 1.24 -3.82
N TYR B 358 -10.08 0.56 -4.31
CA TYR B 358 -8.86 0.39 -3.55
C TYR B 358 -7.72 1.10 -4.29
N TYR B 359 -6.93 1.87 -3.55
CA TYR B 359 -5.83 2.57 -4.16
C TYR B 359 -4.58 2.26 -3.40
N LEU B 360 -3.51 1.94 -4.14
CA LEU B 360 -2.23 1.68 -3.51
C LEU B 360 -1.35 2.78 -4.02
N PHE B 361 -1.23 3.82 -3.22
CA PHE B 361 -0.47 4.99 -3.62
C PHE B 361 1.00 4.66 -3.83
N ASN B 362 1.58 5.27 -4.86
CA ASN B 362 2.97 5.08 -5.19
C ASN B 362 3.34 3.63 -5.49
N TYR B 363 2.55 2.98 -6.34
CA TYR B 363 2.82 1.59 -6.73
C TYR B 363 1.97 1.09 -7.89
N ARG B 364 2.63 0.59 -8.92
CA ARG B 364 1.92 0.06 -10.08
C ARG B 364 1.68 -1.41 -9.87
N THR B 365 0.49 -1.87 -10.24
CA THR B 365 0.19 -3.29 -10.10
C THR B 365 -0.63 -3.74 -11.30
N PHE B 366 -0.58 -5.04 -11.59
CA PHE B 366 -1.37 -5.58 -12.70
C PHE B 366 -2.82 -5.48 -12.29
N PRO B 367 -3.72 -5.47 -13.27
CA PRO B 367 -5.15 -5.38 -12.98
C PRO B 367 -5.56 -6.49 -12.02
N MET B 368 -6.64 -6.30 -11.29
CA MET B 368 -7.10 -7.31 -10.34
C MET B 368 -8.60 -7.48 -10.49
N ASP B 369 -9.08 -8.71 -10.32
CA ASP B 369 -10.51 -8.98 -10.43
C ASP B 369 -11.18 -8.51 -9.14
N GLY B 370 -12.32 -7.84 -9.27
CA GLY B 370 -13.03 -7.35 -8.10
C GLY B 370 -14.26 -8.13 -7.71
N GLY B 371 -14.48 -9.28 -8.34
CA GLY B 371 -15.63 -10.11 -8.03
C GLY B 371 -16.90 -9.69 -8.75
N ILE B 372 -16.76 -8.70 -9.63
CA ILE B 372 -17.93 -8.24 -10.42
C ILE B 372 -17.52 -8.04 -11.88
N ASP B 373 -18.50 -8.03 -12.77
CA ASP B 373 -18.22 -7.85 -14.18
C ASP B 373 -17.81 -6.41 -14.41
N LYS B 374 -16.72 -6.18 -15.14
CA LYS B 374 -16.21 -4.82 -15.35
C LYS B 374 -17.20 -3.81 -15.96
N LYS B 375 -18.15 -4.28 -16.74
CA LYS B 375 -19.11 -3.36 -17.35
C LYS B 375 -20.45 -3.37 -16.65
N THR B 376 -21.00 -4.55 -16.43
CA THR B 376 -22.30 -4.63 -15.77
C THR B 376 -22.20 -4.31 -14.28
N LYS B 377 -21.04 -4.55 -13.68
CA LYS B 377 -20.82 -4.33 -12.24
C LYS B 377 -21.65 -5.32 -11.44
N GLU B 378 -22.10 -6.38 -12.08
CA GLU B 378 -22.87 -7.38 -11.39
C GLU B 378 -21.89 -8.43 -10.86
N VAL B 379 -22.32 -9.11 -9.81
CA VAL B 379 -21.54 -10.14 -9.19
C VAL B 379 -21.24 -11.25 -10.18
N VAL B 380 -20.03 -11.75 -10.18
CA VAL B 380 -19.67 -12.88 -11.03
C VAL B 380 -19.45 -14.03 -10.02
N GLU B 381 -20.31 -15.05 -10.07
CA GLU B 381 -20.25 -16.19 -9.16
C GLU B 381 -18.99 -17.03 -9.17
N ASP B 382 -18.71 -17.60 -8.01
CA ASP B 382 -17.60 -18.51 -7.83
C ASP B 382 -16.28 -18.10 -8.51
N GLN B 383 -15.91 -16.84 -8.36
CA GLN B 383 -14.65 -16.35 -8.92
C GLN B 383 -13.76 -15.85 -7.79
N THR B 384 -12.45 -16.05 -7.94
CA THR B 384 -11.50 -15.60 -6.94
C THR B 384 -11.11 -14.16 -7.27
N SER B 385 -11.30 -13.25 -6.33
CA SER B 385 -10.94 -11.86 -6.58
C SER B 385 -9.47 -11.67 -6.23
N GLY B 386 -8.80 -10.74 -6.90
CA GLY B 386 -7.40 -10.50 -6.58
C GLY B 386 -7.23 -9.81 -5.21
N ILE B 387 -8.31 -9.23 -4.70
CA ILE B 387 -8.28 -8.56 -3.40
C ILE B 387 -8.36 -9.55 -2.26
N GLY B 388 -7.27 -9.67 -1.52
CA GLY B 388 -7.23 -10.59 -0.41
C GLY B 388 -7.04 -9.89 0.93
N VAL B 389 -7.27 -8.57 0.94
CA VAL B 389 -7.16 -7.78 2.17
C VAL B 389 -8.53 -7.20 2.51
N VAL B 390 -8.79 -7.05 3.80
CA VAL B 390 -10.03 -6.44 4.23
C VAL B 390 -9.62 -5.26 5.09
N LEU B 391 -10.14 -4.07 4.76
CA LEU B 391 -9.86 -2.81 5.49
C LEU B 391 -11.09 -2.43 6.29
N LEU B 392 -10.88 -2.02 7.53
CA LEU B 392 -12.03 -1.73 8.35
C LEU B 392 -12.77 -0.45 7.92
N GLU C 1 13.21 15.26 -18.01
CA GLU C 1 11.79 15.45 -17.55
C GLU C 1 11.72 15.54 -16.04
N GLY C 2 11.37 16.73 -15.54
CA GLY C 2 11.25 16.96 -14.11
C GLY C 2 11.40 18.43 -13.76
N PRO C 3 11.34 18.80 -12.46
CA PRO C 3 11.49 20.20 -12.07
C PRO C 3 12.79 20.80 -12.59
N ILE C 4 12.88 22.13 -12.60
CA ILE C 4 14.07 22.81 -13.09
C ILE C 4 14.86 23.45 -11.95
N ASP C 5 14.18 24.23 -11.12
CA ASP C 5 14.85 24.90 -10.02
C ASP C 5 15.32 23.96 -8.93
N LYS C 6 16.40 24.35 -8.28
CA LYS C 6 17.00 23.55 -7.23
C LYS C 6 16.10 23.09 -6.09
N LEU C 7 14.88 23.60 -6.01
CA LEU C 7 13.95 23.19 -4.97
C LEU C 7 14.26 23.80 -3.61
N LYS C 8 13.32 24.60 -3.11
CA LYS C 8 13.46 25.25 -1.81
C LYS C 8 12.17 25.06 -1.05
N THR C 9 12.07 25.71 0.09
CA THR C 9 10.87 25.60 0.90
C THR C 9 10.14 26.95 0.96
N PRO C 10 8.86 26.93 1.37
CA PRO C 10 8.13 28.19 1.44
C PRO C 10 8.94 29.22 2.23
N GLU C 11 9.74 28.73 3.16
CA GLU C 11 10.60 29.57 4.00
C GLU C 11 11.61 30.41 3.20
N ASP C 12 12.13 29.82 2.14
CA ASP C 12 13.11 30.48 1.29
C ASP C 12 12.47 31.49 0.35
N VAL C 13 11.17 31.64 0.46
CA VAL C 13 10.44 32.58 -0.39
C VAL C 13 10.20 33.93 0.30
N PRO C 14 10.54 35.04 -0.38
CA PRO C 14 10.37 36.40 0.15
C PRO C 14 8.97 36.59 0.73
N ASN C 15 8.90 37.03 1.98
CA ASN C 15 7.60 37.21 2.62
C ASN C 15 6.75 38.36 2.12
N ASP C 16 7.37 39.29 1.39
CA ASP C 16 6.61 40.43 0.90
C ASP C 16 6.68 40.62 -0.61
N PRO C 17 5.64 41.24 -1.17
CA PRO C 17 5.59 41.48 -2.61
C PRO C 17 6.85 42.29 -3.04
N LEU C 18 7.37 42.08 -4.26
CA LEU C 18 8.54 42.87 -4.70
C LEU C 18 8.04 44.26 -5.11
N PRO C 19 8.69 45.33 -4.64
CA PRO C 19 8.26 46.69 -5.00
C PRO C 19 8.12 46.99 -6.50
N LEU C 20 7.09 47.77 -6.83
CA LEU C 20 6.85 48.15 -8.22
C LEU C 20 7.33 49.59 -8.33
N ILE C 21 7.24 50.19 -9.53
CA ILE C 21 7.60 51.59 -9.72
C ILE C 21 6.83 52.28 -8.60
N SER C 22 7.32 53.41 -8.12
CA SER C 22 6.62 54.13 -7.04
C SER C 22 5.20 54.56 -7.40
N ASP C 23 4.90 54.72 -8.69
CA ASP C 23 3.57 55.13 -9.14
C ASP C 23 2.45 54.15 -8.81
N PHE C 24 2.80 52.88 -8.63
CA PHE C 24 1.82 51.85 -8.37
C PHE C 24 1.98 51.10 -7.06
N GLU C 25 0.96 50.31 -6.74
CA GLU C 25 0.96 49.50 -5.55
C GLU C 25 0.17 48.20 -5.78
N TRP C 26 0.56 47.16 -5.06
CA TRP C 26 -0.12 45.89 -5.15
C TRP C 26 -1.44 46.04 -4.44
N SER C 27 -2.47 45.37 -4.94
CA SER C 27 -3.78 45.44 -4.31
C SER C 27 -4.48 44.11 -4.54
N THR C 28 -4.59 43.33 -3.49
CA THR C 28 -5.24 42.02 -3.58
C THR C 28 -6.73 42.28 -3.80
N LEU C 29 -7.30 41.63 -4.82
CA LEU C 29 -8.71 41.83 -5.11
C LEU C 29 -9.59 40.89 -4.30
N ASP C 30 -10.79 41.33 -3.99
CA ASP C 30 -11.75 40.50 -3.30
C ASP C 30 -12.95 40.46 -4.24
N ILE C 31 -12.99 39.46 -5.11
CA ILE C 31 -14.08 39.36 -6.05
C ILE C 31 -15.45 39.14 -5.40
N ASP C 32 -15.50 38.86 -4.10
CA ASP C 32 -16.80 38.69 -3.45
C ASP C 32 -17.38 40.07 -3.12
N ASP C 33 -16.61 41.11 -3.39
CA ASP C 33 -17.08 42.48 -3.20
C ASP C 33 -17.42 42.94 -4.61
N ASN C 34 -18.71 43.01 -4.90
CA ASN C 34 -19.14 43.34 -6.24
C ASN C 34 -18.50 44.59 -6.85
N LEU C 35 -18.08 45.52 -5.99
CA LEU C 35 -17.48 46.74 -6.46
C LEU C 35 -16.11 46.43 -7.04
N GLN C 36 -15.38 45.53 -6.38
CA GLN C 36 -14.07 45.16 -6.90
C GLN C 36 -14.21 44.26 -8.13
N LEU C 37 -15.19 43.37 -8.12
CA LEU C 37 -15.40 42.50 -9.27
C LEU C 37 -15.73 43.41 -10.45
N ASP C 38 -16.51 44.47 -10.20
CA ASP C 38 -16.88 45.42 -11.27
C ASP C 38 -15.61 46.04 -11.82
N GLU C 39 -14.67 46.36 -10.94
CA GLU C 39 -13.40 46.97 -11.38
C GLU C 39 -12.63 46.04 -12.28
N LEU C 40 -12.65 44.76 -11.94
CA LEU C 40 -11.95 43.75 -12.74
C LEU C 40 -12.60 43.64 -14.11
N TYR C 41 -13.94 43.63 -14.13
CA TYR C 41 -14.66 43.50 -15.39
C TYR C 41 -14.33 44.67 -16.31
N LYS C 42 -14.25 45.87 -15.75
CA LYS C 42 -13.94 47.03 -16.58
C LYS C 42 -12.51 46.96 -17.12
N LEU C 43 -11.56 46.63 -16.26
CA LEU C 43 -10.17 46.50 -16.69
C LEU C 43 -10.06 45.50 -17.85
N LEU C 44 -10.73 44.36 -17.72
CA LEU C 44 -10.68 43.33 -18.76
C LEU C 44 -11.35 43.81 -20.07
N TYR C 45 -12.58 44.28 -19.94
CA TYR C 45 -13.35 44.76 -21.07
C TYR C 45 -12.57 45.72 -21.95
N ASP C 46 -11.83 46.63 -21.33
CA ASP C 46 -11.07 47.64 -22.05
C ASP C 46 -9.70 47.21 -22.52
N ASN C 47 -9.04 46.38 -21.73
CA ASN C 47 -7.66 46.05 -22.02
C ASN C 47 -7.26 44.63 -22.31
N TYR C 48 -8.21 43.71 -22.18
CA TYR C 48 -7.93 42.31 -22.43
C TYR C 48 -8.49 41.84 -23.75
N VAL C 49 -7.78 42.10 -24.85
CA VAL C 49 -8.25 41.63 -26.15
C VAL C 49 -7.12 41.42 -27.15
N ASP C 53 -10.63 40.45 -32.37
CA ASP C 53 -10.62 41.63 -33.21
C ASP C 53 -11.06 42.89 -32.44
N ALA C 54 -10.64 44.05 -32.93
CA ALA C 54 -10.95 45.32 -32.28
C ALA C 54 -12.42 45.54 -31.91
N THR C 55 -13.32 45.08 -32.78
CA THR C 55 -14.75 45.23 -32.58
C THR C 55 -15.38 44.24 -31.60
N PHE C 56 -14.58 43.31 -31.08
CA PHE C 56 -15.08 42.30 -30.13
C PHE C 56 -14.53 42.50 -28.72
N ARG C 57 -15.32 42.13 -27.72
CA ARG C 57 -14.89 42.22 -26.33
C ARG C 57 -15.47 41.01 -25.62
N PHE C 58 -14.67 40.40 -24.76
CA PHE C 58 -15.15 39.27 -23.99
C PHE C 58 -16.29 39.75 -23.09
N LYS C 59 -17.42 39.08 -23.19
CA LYS C 59 -18.55 39.43 -22.34
C LYS C 59 -18.60 38.46 -21.14
N TYR C 60 -18.11 38.94 -19.99
CA TYR C 60 -18.06 38.14 -18.76
C TYR C 60 -19.25 38.42 -17.82
N SER C 61 -20.01 37.39 -17.47
CA SER C 61 -21.14 37.56 -16.58
C SER C 61 -20.69 37.23 -15.16
N HIS C 62 -21.55 37.52 -14.18
CA HIS C 62 -21.21 37.22 -12.79
C HIS C 62 -21.10 35.71 -12.65
N GLU C 63 -21.97 34.99 -13.36
CA GLU C 63 -21.98 33.53 -13.32
C GLU C 63 -20.71 32.97 -13.90
N PHE C 64 -20.25 33.55 -14.99
CA PHE C 64 -19.02 33.07 -15.60
C PHE C 64 -17.86 33.19 -14.58
N PHE C 65 -17.78 34.30 -13.86
CA PHE C 65 -16.70 34.53 -12.91
C PHE C 65 -16.74 33.54 -11.77
N GLN C 66 -17.94 33.22 -11.28
CA GLN C 66 -18.05 32.24 -10.19
C GLN C 66 -17.43 30.92 -10.66
N TRP C 67 -17.82 30.51 -11.86
CA TRP C 67 -17.35 29.28 -12.45
C TRP C 67 -15.85 29.28 -12.70
N ALA C 68 -15.37 30.35 -13.31
CA ALA C 68 -13.96 30.44 -13.65
C ALA C 68 -12.96 30.67 -12.50
N LEU C 69 -13.38 31.42 -11.49
CA LEU C 69 -12.43 31.76 -10.43
C LEU C 69 -12.66 31.15 -9.07
N LYS C 70 -13.85 30.60 -8.84
CA LYS C 70 -14.15 30.01 -7.53
C LYS C 70 -14.34 28.49 -7.42
N PRO C 71 -13.44 27.71 -8.03
CA PRO C 71 -13.60 26.25 -7.90
C PRO C 71 -13.19 25.93 -6.46
N PRO C 72 -13.40 24.68 -6.00
CA PRO C 72 -13.01 24.37 -4.61
C PRO C 72 -11.55 24.75 -4.34
N GLY C 73 -11.29 25.34 -3.17
CA GLY C 73 -9.92 25.73 -2.80
C GLY C 73 -9.38 27.05 -3.36
N TRP C 74 -10.18 27.77 -4.13
CA TRP C 74 -9.74 29.04 -4.68
C TRP C 74 -9.30 30.00 -3.55
N ARG C 75 -8.25 30.78 -3.78
CA ARG C 75 -7.79 31.71 -2.74
C ARG C 75 -7.84 33.19 -3.17
N LYS C 76 -8.45 34.03 -2.34
CA LYS C 76 -8.55 35.48 -2.64
C LYS C 76 -7.16 36.09 -2.80
N ASP C 77 -6.22 35.57 -2.04
CA ASP C 77 -4.85 36.02 -2.04
C ASP C 77 -4.18 35.82 -3.40
N TRP C 78 -4.82 35.06 -4.29
CA TRP C 78 -4.25 34.79 -5.60
C TRP C 78 -4.88 35.61 -6.74
N HIS C 79 -5.67 36.59 -6.35
CA HIS C 79 -6.33 37.51 -7.27
C HIS C 79 -5.55 38.79 -7.03
N VAL C 80 -4.44 38.90 -7.75
CA VAL C 80 -3.51 40.01 -7.63
C VAL C 80 -3.66 41.18 -8.60
N GLY C 81 -4.02 42.34 -8.04
CA GLY C 81 -4.17 43.53 -8.87
C GLY C 81 -3.10 44.58 -8.61
N VAL C 82 -3.03 45.55 -9.52
CA VAL C 82 -2.12 46.68 -9.37
C VAL C 82 -2.93 47.95 -9.51
N ARG C 83 -2.76 48.86 -8.57
CA ARG C 83 -3.49 50.12 -8.60
C ARG C 83 -2.54 51.31 -8.74
N VAL C 84 -2.96 52.30 -9.54
CA VAL C 84 -2.15 53.51 -9.69
C VAL C 84 -2.42 54.30 -8.40
N LYS C 85 -1.36 54.62 -7.67
CA LYS C 85 -1.51 55.34 -6.41
C LYS C 85 -2.29 56.66 -6.47
N SER C 86 -2.03 57.45 -7.51
CA SER C 86 -2.69 58.73 -7.65
C SER C 86 -4.22 58.63 -7.47
N THR C 87 -4.89 57.82 -8.30
CA THR C 87 -6.35 57.71 -8.23
C THR C 87 -6.90 56.40 -7.69
N GLY C 88 -6.03 55.43 -7.47
CA GLY C 88 -6.50 54.14 -6.97
C GLY C 88 -7.12 53.27 -8.05
N LYS C 89 -7.05 53.72 -9.30
CA LYS C 89 -7.62 52.96 -10.40
C LYS C 89 -6.88 51.62 -10.62
N LEU C 90 -7.63 50.56 -10.92
CA LEU C 90 -7.08 49.21 -11.20
C LEU C 90 -6.47 49.23 -12.60
N VAL C 91 -5.18 48.91 -12.72
CA VAL C 91 -4.52 48.96 -14.03
C VAL C 91 -3.86 47.65 -14.51
N ALA C 92 -3.84 46.65 -13.63
CA ALA C 92 -3.28 45.35 -14.01
C ALA C 92 -3.81 44.29 -13.08
N PHE C 93 -3.80 43.06 -13.56
CA PHE C 93 -4.30 41.94 -12.76
C PHE C 93 -3.73 40.61 -13.23
N ILE C 94 -3.66 39.66 -12.31
CA ILE C 94 -3.20 38.32 -12.63
C ILE C 94 -3.77 37.34 -11.60
N ALA C 95 -4.15 36.15 -12.05
CA ALA C 95 -4.73 35.19 -11.13
C ALA C 95 -4.07 33.81 -11.17
N ALA C 96 -4.26 33.07 -10.08
CA ALA C 96 -3.76 31.70 -9.98
C ALA C 96 -4.90 30.91 -9.38
N THR C 97 -5.21 29.78 -10.03
CA THR C 97 -6.27 28.91 -9.58
C THR C 97 -5.67 27.49 -9.42
N PRO C 98 -6.05 26.79 -8.36
CA PRO C 98 -5.53 25.44 -8.14
C PRO C 98 -5.93 24.44 -9.23
N VAL C 99 -4.99 23.60 -9.61
CA VAL C 99 -5.24 22.58 -10.61
C VAL C 99 -4.23 21.45 -10.41
N THR C 100 -4.63 20.21 -10.71
CA THR C 100 -3.73 19.06 -10.58
C THR C 100 -3.50 18.44 -11.95
N PHE C 101 -2.25 18.32 -12.35
CA PHE C 101 -1.90 17.74 -13.64
C PHE C 101 -1.24 16.40 -13.46
N LYS C 102 -1.25 15.59 -14.51
CA LYS C 102 -0.57 14.32 -14.46
C LYS C 102 0.14 14.16 -15.78
N LEU C 103 1.41 13.83 -15.72
CA LEU C 103 2.22 13.61 -16.92
C LEU C 103 2.17 12.11 -17.07
N ASN C 104 1.42 11.67 -18.08
CA ASN C 104 1.22 10.25 -18.32
C ASN C 104 2.46 9.39 -18.59
N LYS C 105 3.36 9.89 -19.43
CA LYS C 105 4.57 9.15 -19.78
C LYS C 105 5.42 8.82 -18.57
N SER C 106 5.62 9.79 -17.70
CA SER C 106 6.45 9.58 -16.53
C SER C 106 5.61 9.27 -15.31
N ASN C 107 4.31 9.15 -15.51
CA ASN C 107 3.40 8.87 -14.41
C ASN C 107 3.60 9.78 -13.20
N LYS C 108 3.79 11.07 -13.44
CA LYS C 108 3.97 12.03 -12.36
C LYS C 108 2.70 12.88 -12.16
N VAL C 109 2.30 13.04 -10.91
CA VAL C 109 1.15 13.84 -10.56
C VAL C 109 1.67 15.12 -9.89
N ILE C 110 1.22 16.26 -10.38
CA ILE C 110 1.70 17.50 -9.80
C ILE C 110 0.60 18.48 -9.44
N ASP C 111 0.57 18.85 -8.16
CA ASP C 111 -0.40 19.81 -7.68
C ASP C 111 0.18 21.16 -8.09
N SER C 112 -0.53 21.85 -8.97
CA SER C 112 -0.05 23.14 -9.45
C SER C 112 -1.12 24.18 -9.42
N VAL C 113 -0.99 25.08 -10.37
CA VAL C 113 -1.90 26.19 -10.43
C VAL C 113 -1.96 26.65 -11.87
N GLU C 114 -3.10 27.17 -12.30
CA GLU C 114 -3.18 27.70 -13.65
C GLU C 114 -3.12 29.23 -13.51
N ILE C 115 -2.23 29.87 -14.27
CA ILE C 115 -2.08 31.33 -14.24
C ILE C 115 -2.85 31.93 -15.41
N ASN C 116 -3.86 32.73 -15.13
CA ASN C 116 -4.62 33.37 -16.19
C ASN C 116 -5.14 34.77 -15.85
N PHE C 117 -5.94 35.34 -16.76
CA PHE C 117 -6.48 36.69 -16.61
C PHE C 117 -5.36 37.69 -16.37
N LEU C 118 -4.24 37.51 -17.06
CA LEU C 118 -3.11 38.43 -16.95
C LEU C 118 -3.54 39.61 -17.84
N CYS C 119 -3.88 40.73 -17.21
CA CYS C 119 -4.35 41.92 -17.91
C CYS C 119 -3.56 43.18 -17.53
N ILE C 120 -3.19 43.94 -18.54
CA ILE C 120 -2.44 45.18 -18.31
C ILE C 120 -3.12 46.28 -19.11
N HIS C 121 -3.31 47.45 -18.47
CA HIS C 121 -3.95 48.59 -19.15
C HIS C 121 -3.13 48.94 -20.40
N LYS C 122 -3.82 49.18 -21.51
CA LYS C 122 -3.16 49.53 -22.78
C LYS C 122 -2.11 50.65 -22.69
N LYS C 123 -2.29 51.61 -21.79
CA LYS C 123 -1.33 52.70 -21.67
C LYS C 123 -0.10 52.30 -20.87
N LEU C 124 -0.10 51.10 -20.29
CA LEU C 124 1.06 50.69 -19.50
C LEU C 124 1.81 49.55 -20.16
N ARG C 125 1.51 49.31 -21.44
CA ARG C 125 2.15 48.24 -22.19
C ARG C 125 3.67 48.35 -22.30
N ASN C 126 4.23 49.53 -22.08
CA ASN C 126 5.68 49.71 -22.18
C ASN C 126 6.44 49.51 -20.88
N LYS C 127 5.72 49.36 -19.77
CA LYS C 127 6.41 49.17 -18.51
C LYS C 127 6.77 47.68 -18.31
N ARG C 128 6.39 46.86 -19.30
CA ARG C 128 6.65 45.43 -19.30
C ARG C 128 6.36 44.79 -17.94
N LEU C 129 5.16 45.07 -17.44
CA LEU C 129 4.67 44.59 -16.17
C LEU C 129 4.37 43.07 -16.12
N ALA C 130 4.16 42.44 -17.28
CA ALA C 130 3.85 41.01 -17.25
C ALA C 130 4.85 40.20 -16.42
N PRO C 131 6.14 40.25 -16.76
CA PRO C 131 7.06 39.47 -15.93
C PRO C 131 6.92 39.73 -14.44
N VAL C 132 6.65 40.99 -14.07
CA VAL C 132 6.50 41.32 -12.65
C VAL C 132 5.22 40.69 -12.06
N LEU C 133 4.17 40.62 -12.87
CA LEU C 133 2.90 40.02 -12.41
C LEU C 133 3.12 38.52 -12.18
N ILE C 134 3.80 37.89 -13.13
CA ILE C 134 4.09 36.47 -13.02
C ILE C 134 4.98 36.15 -11.80
N LYS C 135 6.04 36.94 -11.61
CA LYS C 135 6.91 36.74 -10.48
C LYS C 135 6.16 36.86 -9.15
N GLU C 136 5.25 37.82 -9.07
CA GLU C 136 4.52 38.02 -7.81
C GLU C 136 3.47 36.94 -7.52
N ILE C 137 2.76 36.49 -8.55
CA ILE C 137 1.75 35.46 -8.32
C ILE C 137 2.52 34.18 -7.99
N THR C 138 3.63 33.98 -8.70
CA THR C 138 4.48 32.82 -8.49
C THR C 138 5.02 32.81 -7.06
N ARG C 139 5.34 33.98 -6.54
CA ARG C 139 5.87 34.07 -5.20
C ARG C 139 4.77 33.66 -4.22
N ARG C 140 3.54 34.13 -4.48
CA ARG C 140 2.41 33.84 -3.60
C ARG C 140 2.11 32.34 -3.53
N VAL C 141 2.15 31.65 -4.67
CA VAL C 141 1.86 30.22 -4.65
C VAL C 141 3.04 29.41 -4.09
N ASN C 142 4.27 29.85 -4.35
CA ASN C 142 5.46 29.16 -3.81
C ASN C 142 5.37 29.17 -2.29
N LYS C 143 4.77 30.22 -1.76
CA LYS C 143 4.60 30.36 -0.33
C LYS C 143 3.62 29.29 0.18
N GLN C 144 2.73 28.84 -0.69
CA GLN C 144 1.75 27.81 -0.34
C GLN C 144 2.31 26.47 -0.78
N ASN C 145 3.62 26.45 -1.00
CA ASN C 145 4.31 25.23 -1.37
C ASN C 145 3.93 24.62 -2.71
N ILE C 146 3.54 25.43 -3.68
CA ILE C 146 3.25 24.91 -5.02
C ILE C 146 4.46 25.40 -5.80
N TRP C 147 5.05 24.56 -6.63
CA TRP C 147 6.24 24.96 -7.37
C TRP C 147 6.21 24.85 -8.88
N GLN C 148 5.04 24.53 -9.44
CA GLN C 148 4.93 24.50 -10.91
C GLN C 148 3.62 25.20 -11.26
N ALA C 149 3.55 25.77 -12.46
CA ALA C 149 2.34 26.48 -12.89
C ALA C 149 2.16 26.38 -14.38
N LEU C 150 0.90 26.39 -14.79
CA LEU C 150 0.59 26.34 -16.21
C LEU C 150 0.12 27.72 -16.64
N TYR C 151 0.63 28.16 -17.78
CA TYR C 151 0.28 29.47 -18.33
C TYR C 151 0.10 29.28 -19.82
N THR C 152 -0.92 29.89 -20.38
CA THR C 152 -1.16 29.77 -21.82
C THR C 152 -1.44 31.12 -22.49
N GLY C 153 -1.24 31.17 -23.79
CA GLY C 153 -1.49 32.38 -24.53
C GLY C 153 -0.78 32.41 -25.87
N GLY C 154 -1.05 33.47 -26.64
CA GLY C 154 -0.42 33.62 -27.95
C GLY C 154 1.03 34.09 -27.84
N SER C 155 1.40 34.65 -26.68
CA SER C 155 2.76 35.14 -26.46
C SER C 155 3.80 34.05 -26.63
N ILE C 156 4.92 34.41 -27.25
CA ILE C 156 5.98 33.46 -27.48
C ILE C 156 7.04 33.60 -26.39
N LEU C 157 6.96 32.72 -25.39
CA LEU C 157 7.90 32.71 -24.26
C LEU C 157 8.87 31.54 -24.46
N PRO C 158 9.87 31.40 -23.58
CA PRO C 158 10.85 30.32 -23.72
C PRO C 158 10.30 28.90 -23.58
N THR C 159 10.51 28.11 -24.62
CA THR C 159 10.13 26.70 -24.62
C THR C 159 8.74 26.25 -24.16
N PRO C 160 7.79 26.18 -25.10
CA PRO C 160 6.42 25.75 -24.82
C PRO C 160 6.27 24.24 -24.84
N LEU C 161 5.26 23.71 -24.15
CA LEU C 161 5.01 22.27 -24.15
C LEU C 161 4.82 21.93 -25.62
N THR C 162 4.02 22.74 -26.29
CA THR C 162 3.74 22.59 -27.71
C THR C 162 2.85 23.77 -28.08
N THR C 163 2.30 23.73 -29.29
CA THR C 163 1.45 24.81 -29.78
C THR C 163 0.28 24.20 -30.54
N CYS C 164 -0.94 24.63 -30.19
CA CYS C 164 -2.13 24.13 -30.86
C CYS C 164 -2.70 25.28 -31.65
N ARG C 165 -3.65 24.98 -32.52
CA ARG C 165 -4.25 26.00 -33.36
C ARG C 165 -5.76 26.07 -33.15
N TYR C 166 -6.32 27.27 -33.27
CA TYR C 166 -7.76 27.41 -33.10
C TYR C 166 -8.54 26.91 -34.31
N GLN C 167 -9.78 26.50 -34.07
CA GLN C 167 -10.63 25.99 -35.13
C GLN C 167 -12.01 26.58 -34.89
N HIS C 168 -12.77 26.78 -35.96
CA HIS C 168 -14.09 27.38 -35.83
C HIS C 168 -15.12 26.63 -36.64
N ARG C 169 -16.29 26.45 -36.07
CA ARG C 169 -17.33 25.73 -36.78
C ARG C 169 -18.58 26.57 -36.78
N PRO C 170 -18.76 27.36 -37.85
CA PRO C 170 -19.93 28.23 -38.00
C PRO C 170 -21.23 27.52 -37.67
N ILE C 171 -22.08 28.16 -36.87
CA ILE C 171 -23.39 27.62 -36.55
C ILE C 171 -24.40 28.55 -37.23
N ASN C 172 -24.13 29.86 -37.17
CA ASN C 172 -24.99 30.87 -37.81
C ASN C 172 -24.08 31.74 -38.69
N TRP C 173 -23.74 31.18 -39.84
CA TRP C 173 -22.85 31.81 -40.81
C TRP C 173 -23.30 33.21 -41.22
N SER C 174 -24.58 33.39 -41.49
CA SER C 174 -25.04 34.71 -41.90
C SER C 174 -24.62 35.81 -40.91
N LYS C 175 -24.87 35.57 -39.63
CA LYS C 175 -24.52 36.54 -38.59
C LYS C 175 -23.00 36.67 -38.46
N LEU C 176 -22.28 35.56 -38.59
CA LEU C 176 -20.82 35.62 -38.50
C LEU C 176 -20.27 36.48 -39.64
N HIS C 177 -21.03 36.49 -40.73
CA HIS C 177 -20.64 37.25 -41.89
C HIS C 177 -21.02 38.73 -41.68
N ASP C 178 -22.23 38.96 -41.17
CA ASP C 178 -22.72 40.29 -40.89
C ASP C 178 -21.70 41.04 -40.05
N VAL C 179 -21.17 40.38 -39.00
CA VAL C 179 -20.23 41.03 -38.09
C VAL C 179 -18.77 40.95 -38.47
N GLY C 180 -18.49 40.37 -39.62
CA GLY C 180 -17.10 40.29 -40.07
C GLY C 180 -16.24 39.19 -39.48
N PHE C 181 -16.86 38.18 -38.87
CA PHE C 181 -16.07 37.08 -38.30
C PHE C 181 -15.68 36.11 -39.43
N SER C 182 -16.66 35.78 -40.26
CA SER C 182 -16.50 34.88 -41.38
C SER C 182 -16.53 35.62 -42.71
N HIS C 183 -15.69 35.19 -43.64
CA HIS C 183 -15.63 35.83 -44.95
C HIS C 183 -16.22 34.92 -46.01
N LEU C 184 -16.77 35.51 -47.06
CA LEU C 184 -17.38 34.75 -48.15
C LEU C 184 -16.29 34.28 -49.12
N PRO C 185 -16.11 32.95 -49.24
CA PRO C 185 -15.10 32.39 -50.13
C PRO C 185 -15.25 32.81 -51.58
N PRO C 186 -14.12 32.91 -52.31
CA PRO C 186 -14.02 33.30 -53.71
C PRO C 186 -15.24 33.04 -54.59
N ASN C 187 -15.49 31.78 -54.90
CA ASN C 187 -16.61 31.44 -55.77
C ASN C 187 -17.80 30.90 -55.00
N GLN C 188 -18.20 31.65 -53.98
CA GLN C 188 -19.31 31.24 -53.15
C GLN C 188 -20.32 32.35 -52.93
N THR C 189 -21.50 31.98 -52.46
CA THR C 189 -22.53 32.96 -52.15
C THR C 189 -22.93 32.80 -50.68
N LYS C 190 -23.56 33.83 -50.12
CA LYS C 190 -23.97 33.75 -48.74
C LYS C 190 -24.91 32.54 -48.62
N SER C 191 -25.67 32.30 -49.68
CA SER C 191 -26.63 31.19 -49.71
C SER C 191 -26.00 29.80 -49.68
N SER C 192 -24.89 29.63 -50.40
CA SER C 192 -24.21 28.33 -50.41
C SER C 192 -23.64 28.09 -49.02
N MET C 193 -22.89 29.08 -48.52
CA MET C 193 -22.28 28.96 -47.19
C MET C 193 -23.31 28.53 -46.16
N VAL C 194 -24.40 29.28 -46.04
CA VAL C 194 -25.44 28.96 -45.07
C VAL C 194 -25.91 27.52 -45.20
N ALA C 195 -26.19 27.11 -46.43
CA ALA C 195 -26.65 25.76 -46.71
C ALA C 195 -25.60 24.73 -46.31
N SER C 196 -24.33 25.04 -46.58
CA SER C 196 -23.27 24.09 -46.23
C SER C 196 -23.07 23.87 -44.72
N TYR C 197 -23.68 24.71 -43.88
CA TYR C 197 -23.52 24.57 -42.43
C TYR C 197 -24.80 24.17 -41.71
N THR C 198 -25.88 24.00 -42.43
CA THR C 198 -27.11 23.63 -41.76
C THR C 198 -26.90 22.36 -40.97
N LEU C 199 -27.66 22.23 -39.89
CA LEU C 199 -27.56 21.08 -39.02
C LEU C 199 -28.95 20.72 -38.56
N PRO C 200 -29.13 19.45 -38.11
CA PRO C 200 -30.43 19.01 -37.63
C PRO C 200 -30.78 19.89 -36.43
N ASN C 201 -32.02 19.81 -35.97
CA ASN C 201 -32.42 20.60 -34.81
C ASN C 201 -32.37 19.77 -33.55
N ASN C 202 -32.28 18.45 -33.73
CA ASN C 202 -32.25 17.56 -32.60
C ASN C 202 -31.04 16.65 -32.62
N PRO C 203 -30.49 16.35 -31.42
CA PRO C 203 -29.32 15.47 -31.35
C PRO C 203 -29.69 14.08 -31.89
N LYS C 204 -28.70 13.42 -32.47
CA LYS C 204 -28.89 12.11 -33.07
C LYS C 204 -28.69 10.87 -32.17
N LEU C 205 -27.69 10.91 -31.28
CA LEU C 205 -27.41 9.78 -30.40
C LEU C 205 -28.50 9.43 -29.41
N LYS C 206 -28.84 8.15 -29.35
CA LYS C 206 -29.86 7.67 -28.44
C LYS C 206 -29.28 7.61 -27.03
N GLY C 207 -30.10 7.97 -26.04
CA GLY C 207 -29.63 7.96 -24.67
C GLY C 207 -28.81 9.18 -24.29
N LEU C 208 -28.78 10.19 -25.18
CA LEU C 208 -28.05 11.42 -24.88
C LEU C 208 -28.91 12.28 -23.98
N ARG C 209 -28.34 12.75 -22.87
CA ARG C 209 -29.07 13.60 -21.96
C ARG C 209 -28.07 14.47 -21.21
N PRO C 210 -28.57 15.52 -20.53
CA PRO C 210 -27.65 16.39 -19.78
C PRO C 210 -27.10 15.62 -18.58
N MET C 211 -25.83 15.86 -18.26
CA MET C 211 -25.19 15.23 -17.11
C MET C 211 -25.76 15.81 -15.82
N THR C 212 -25.75 15.04 -14.74
CA THR C 212 -26.26 15.53 -13.46
C THR C 212 -25.25 15.19 -12.39
N GLY C 213 -25.56 15.59 -11.16
CA GLY C 213 -24.68 15.31 -10.05
C GLY C 213 -24.38 13.82 -9.93
N LYS C 214 -25.40 12.98 -10.09
CA LYS C 214 -25.23 11.52 -9.97
C LYS C 214 -24.26 10.90 -10.98
N ASP C 215 -23.99 11.61 -12.06
CA ASP C 215 -23.09 11.02 -13.04
C ASP C 215 -21.62 11.30 -12.77
N VAL C 216 -21.33 12.20 -11.85
CA VAL C 216 -19.94 12.59 -11.60
C VAL C 216 -18.91 11.48 -11.48
N SER C 217 -19.06 10.57 -10.53
CA SER C 217 -18.05 9.52 -10.40
C SER C 217 -17.92 8.68 -11.65
N THR C 218 -19.04 8.29 -12.24
CA THR C 218 -19.04 7.48 -13.45
C THR C 218 -18.35 8.18 -14.62
N VAL C 219 -18.71 9.45 -14.84
CA VAL C 219 -18.11 10.21 -15.95
C VAL C 219 -16.62 10.36 -15.68
N LEU C 220 -16.29 10.71 -14.44
CA LEU C 220 -14.90 10.89 -14.06
C LEU C 220 -14.05 9.64 -14.37
N SER C 221 -14.60 8.46 -14.08
CA SER C 221 -13.90 7.19 -14.36
C SER C 221 -13.76 6.99 -15.85
N LEU C 222 -14.82 7.33 -16.59
CA LEU C 222 -14.79 7.22 -18.04
C LEU C 222 -13.70 8.16 -18.61
N LEU C 223 -13.63 9.41 -18.13
CA LEU C 223 -12.62 10.37 -18.62
C LEU C 223 -11.23 9.90 -18.26
N TYR C 224 -11.07 9.40 -17.03
CA TYR C 224 -9.75 8.91 -16.61
C TYR C 224 -9.25 7.78 -17.51
N LYS C 225 -10.09 6.80 -17.83
CA LYS C 225 -9.67 5.71 -18.69
C LYS C 225 -9.31 6.27 -20.06
N TYR C 226 -10.22 7.10 -20.58
CA TYR C 226 -10.04 7.67 -21.90
C TYR C 226 -8.80 8.54 -22.09
N GLN C 227 -8.59 9.48 -21.18
CA GLN C 227 -7.47 10.41 -21.33
C GLN C 227 -6.08 9.84 -21.11
N GLU C 228 -5.98 8.51 -20.99
CA GLU C 228 -4.67 7.87 -20.79
C GLU C 228 -3.81 8.10 -22.04
N ARG C 229 -4.49 8.36 -23.16
CA ARG C 229 -3.83 8.57 -24.46
C ARG C 229 -3.09 9.90 -24.64
N PHE C 230 -3.38 10.90 -23.82
CA PHE C 230 -2.70 12.17 -23.98
C PHE C 230 -1.45 12.19 -23.09
N ASP C 231 -0.56 13.15 -23.32
CA ASP C 231 0.67 13.26 -22.52
C ASP C 231 0.44 13.98 -21.20
N ILE C 232 -0.32 15.07 -21.25
CA ILE C 232 -0.62 15.80 -20.02
C ILE C 232 -2.12 15.94 -19.87
N VAL C 233 -2.62 15.60 -18.69
CA VAL C 233 -4.05 15.65 -18.40
C VAL C 233 -4.29 16.28 -17.05
N GLN C 234 -5.55 16.42 -16.73
CA GLN C 234 -5.98 17.01 -15.47
C GLN C 234 -6.68 15.97 -14.61
N LEU C 235 -6.45 16.03 -13.31
CA LEU C 235 -7.11 15.11 -12.38
C LEU C 235 -8.01 15.98 -11.51
N PHE C 236 -9.15 15.46 -11.07
CA PHE C 236 -10.07 16.22 -10.25
C PHE C 236 -10.54 15.42 -9.08
N THR C 237 -11.02 16.13 -8.06
CA THR C 237 -11.63 15.50 -6.89
C THR C 237 -13.07 15.51 -7.40
N GLU C 238 -13.97 14.82 -6.73
CA GLU C 238 -15.33 14.81 -7.25
C GLU C 238 -16.00 16.20 -7.11
N GLU C 239 -15.67 16.95 -6.06
CA GLU C 239 -16.20 18.31 -5.84
C GLU C 239 -15.74 19.20 -6.99
N GLU C 240 -14.45 19.13 -7.27
CA GLU C 240 -13.87 19.88 -8.35
C GLU C 240 -14.55 19.55 -9.71
N PHE C 241 -14.57 18.27 -10.09
CA PHE C 241 -15.16 17.88 -11.36
C PHE C 241 -16.58 18.36 -11.44
N LYS C 242 -17.28 18.23 -10.32
CA LYS C 242 -18.68 18.64 -10.28
C LYS C 242 -18.78 20.15 -10.55
N HIS C 243 -17.88 20.92 -9.96
CA HIS C 243 -17.90 22.36 -10.16
C HIS C 243 -17.67 22.74 -11.63
N TRP C 244 -16.61 22.19 -12.23
CA TRP C 244 -16.27 22.48 -13.61
C TRP C 244 -17.25 21.98 -14.67
N MET C 245 -17.95 20.88 -14.40
CA MET C 245 -18.89 20.34 -15.38
C MET C 245 -20.32 20.80 -15.20
N LEU C 246 -20.68 21.17 -13.97
CA LEU C 246 -22.06 21.60 -13.69
C LEU C 246 -22.30 23.01 -13.17
N GLY C 247 -21.27 23.76 -12.84
CA GLY C 247 -21.50 25.12 -12.38
C GLY C 247 -21.14 25.34 -10.93
N HIS C 248 -21.04 26.62 -10.54
CA HIS C 248 -20.70 26.96 -9.16
C HIS C 248 -21.82 26.58 -8.18
N ASP C 249 -23.06 26.80 -8.59
CA ASP C 249 -24.24 26.52 -7.78
C ASP C 249 -24.90 25.18 -8.11
N GLU C 250 -24.85 24.24 -7.16
CA GLU C 250 -25.42 22.92 -7.39
C GLU C 250 -26.93 22.90 -7.66
N ASN C 251 -27.70 23.86 -7.16
CA ASN C 251 -29.13 23.81 -7.44
C ASN C 251 -29.66 24.76 -8.50
N SER C 252 -28.89 24.98 -9.56
CA SER C 252 -29.32 25.84 -10.65
C SER C 252 -28.57 25.47 -11.91
N ASP C 253 -29.31 25.13 -12.95
CA ASP C 253 -28.71 24.75 -14.21
C ASP C 253 -27.76 25.86 -14.67
N SER C 254 -26.53 25.49 -15.01
CA SER C 254 -25.55 26.45 -15.45
C SER C 254 -25.80 27.03 -16.84
N ASN C 255 -25.50 28.33 -17.02
CA ASN C 255 -25.63 28.96 -18.33
C ASN C 255 -24.23 29.12 -18.92
N VAL C 256 -23.24 28.57 -18.22
CA VAL C 256 -21.85 28.67 -18.67
C VAL C 256 -21.26 27.34 -19.18
N VAL C 257 -21.46 26.25 -18.44
CA VAL C 257 -20.97 24.93 -18.86
C VAL C 257 -22.16 24.08 -19.22
N LYS C 258 -22.05 23.37 -20.34
CA LYS C 258 -23.10 22.46 -20.79
C LYS C 258 -22.42 21.08 -20.87
N SER C 259 -22.90 20.14 -20.07
CA SER C 259 -22.31 18.80 -20.01
C SER C 259 -23.34 17.74 -20.34
N TYR C 260 -22.95 16.80 -21.20
CA TYR C 260 -23.90 15.77 -21.61
C TYR C 260 -23.31 14.38 -21.49
N VAL C 261 -24.17 13.40 -21.26
CA VAL C 261 -23.73 12.01 -21.20
C VAL C 261 -24.63 11.19 -22.14
N VAL C 262 -24.08 10.07 -22.63
CA VAL C 262 -24.82 9.16 -23.49
C VAL C 262 -24.85 7.81 -22.77
N GLU C 263 -26.04 7.36 -22.36
CA GLU C 263 -26.10 6.05 -21.72
C GLU C 263 -26.85 5.12 -22.65
N ASP C 264 -26.30 3.91 -22.81
CA ASP C 264 -26.90 2.91 -23.70
C ASP C 264 -28.17 2.22 -23.21
N GLU C 265 -28.64 1.25 -24.00
CA GLU C 265 -29.86 0.49 -23.70
C GLU C 265 -29.89 -0.07 -22.26
N ASN C 266 -28.72 -0.17 -21.64
CA ASN C 266 -28.62 -0.69 -20.29
C ASN C 266 -28.35 0.34 -19.20
N GLY C 267 -28.45 1.62 -19.55
CA GLY C 267 -28.23 2.66 -18.56
C GLY C 267 -26.77 2.89 -18.17
N ILE C 268 -25.88 2.36 -18.98
CA ILE C 268 -24.46 2.49 -18.74
C ILE C 268 -23.91 3.66 -19.57
N ILE C 269 -23.29 4.63 -18.91
CA ILE C 269 -22.73 5.80 -19.59
C ILE C 269 -21.57 5.36 -20.47
N THR C 270 -21.66 5.62 -21.78
CA THR C 270 -20.64 5.19 -22.74
C THR C 270 -19.83 6.33 -23.35
N ASP C 271 -20.37 7.54 -23.26
CA ASP C 271 -19.72 8.73 -23.82
C ASP C 271 -20.20 9.92 -23.03
N TYR C 272 -19.46 11.01 -23.15
CA TYR C 272 -19.81 12.27 -22.52
C TYR C 272 -19.00 13.40 -23.15
N PHE C 273 -19.58 14.59 -23.17
CA PHE C 273 -18.87 15.76 -23.71
C PHE C 273 -19.36 17.00 -22.97
N SER C 274 -18.53 18.04 -22.99
CA SER C 274 -18.89 19.29 -22.34
C SER C 274 -18.30 20.45 -23.15
N TYR C 275 -18.90 21.62 -22.99
CA TYR C 275 -18.40 22.83 -23.62
C TYR C 275 -18.88 24.03 -22.79
N TYR C 276 -18.14 25.14 -22.85
CA TYR C 276 -18.55 26.30 -22.08
C TYR C 276 -18.87 27.47 -22.98
N LEU C 277 -19.73 28.34 -22.49
CA LEU C 277 -20.17 29.51 -23.23
C LEU C 277 -19.47 30.77 -22.76
N LEU C 278 -18.94 31.54 -23.71
CA LEU C 278 -18.25 32.81 -23.48
C LEU C 278 -18.47 33.72 -24.69
N PRO C 279 -19.56 34.51 -24.66
CA PRO C 279 -19.89 35.42 -25.77
C PRO C 279 -18.93 36.58 -25.93
N PHE C 280 -19.07 37.25 -27.08
CA PHE C 280 -18.28 38.44 -27.38
C PHE C 280 -19.30 39.55 -27.46
N THR C 281 -18.97 40.71 -26.90
CA THR C 281 -19.88 41.83 -27.06
C THR C 281 -19.42 42.33 -28.45
N VAL C 282 -20.36 42.74 -29.30
CA VAL C 282 -20.02 43.22 -30.65
C VAL C 282 -20.18 44.72 -30.78
N LEU C 283 -19.11 45.42 -31.15
CA LEU C 283 -19.16 46.86 -31.31
C LEU C 283 -19.27 47.34 -32.75
N ASP C 284 -20.02 48.42 -32.95
CA ASP C 284 -20.17 49.05 -34.27
C ASP C 284 -20.84 48.23 -35.35
N ASN C 285 -21.87 47.48 -34.98
CA ASN C 285 -22.61 46.74 -35.97
C ASN C 285 -24.06 47.16 -35.77
N ALA C 286 -24.67 47.61 -36.85
CA ALA C 286 -26.05 48.11 -36.84
C ALA C 286 -27.11 47.06 -36.55
N GLN C 287 -26.74 45.80 -36.65
CA GLN C 287 -27.71 44.73 -36.41
C GLN C 287 -27.53 43.94 -35.13
N HIS C 288 -26.28 43.62 -34.82
CA HIS C 288 -25.96 42.76 -33.67
C HIS C 288 -25.13 43.37 -32.54
N ASP C 289 -25.43 42.96 -31.32
CA ASP C 289 -24.73 43.42 -30.13
C ASP C 289 -23.87 42.33 -29.49
N GLU C 290 -24.27 41.08 -29.71
CA GLU C 290 -23.55 39.96 -29.10
C GLU C 290 -23.33 38.80 -30.08
N LEU C 291 -22.22 38.10 -29.91
CA LEU C 291 -21.90 36.94 -30.74
C LEU C 291 -21.72 35.74 -29.80
N GLY C 292 -22.65 34.80 -29.85
CA GLY C 292 -22.59 33.60 -29.00
C GLY C 292 -21.45 32.68 -29.40
N ILE C 293 -20.61 32.33 -28.43
CA ILE C 293 -19.47 31.47 -28.72
C ILE C 293 -19.43 30.29 -27.73
N ALA C 294 -19.14 29.11 -28.25
CA ALA C 294 -19.01 27.93 -27.38
C ALA C 294 -17.59 27.44 -27.58
N TYR C 295 -17.01 26.88 -26.51
CA TYR C 295 -15.66 26.33 -26.55
C TYR C 295 -15.71 24.86 -26.11
N LEU C 296 -15.16 23.95 -26.91
CA LEU C 296 -15.17 22.54 -26.54
C LEU C 296 -14.35 22.38 -25.28
N PHE C 297 -14.91 21.65 -24.33
CA PHE C 297 -14.27 21.44 -23.03
C PHE C 297 -13.68 20.00 -22.95
N TYR C 298 -14.17 19.20 -22.00
CA TYR C 298 -13.66 17.82 -21.90
C TYR C 298 -14.68 16.82 -22.42
N TYR C 299 -14.18 15.71 -22.96
CA TYR C 299 -15.04 14.65 -23.48
C TYR C 299 -14.34 13.29 -23.42
N ALA C 300 -15.11 12.21 -23.55
CA ALA C 300 -14.55 10.85 -23.54
C ALA C 300 -15.52 9.84 -24.14
N SER C 301 -14.96 8.78 -24.70
CA SER C 301 -15.80 7.76 -25.31
C SER C 301 -15.34 6.33 -25.08
N ASP C 302 -16.34 5.44 -25.00
CA ASP C 302 -16.20 3.97 -24.82
C ASP C 302 -15.36 3.40 -25.92
N SER C 303 -15.80 3.74 -27.12
CA SER C 303 -15.25 3.30 -28.38
C SER C 303 -13.79 3.54 -28.73
N PHE C 304 -12.99 4.12 -27.84
CA PHE C 304 -11.62 4.38 -28.27
C PHE C 304 -10.83 3.16 -28.66
N GLU C 305 -11.24 1.99 -28.18
CA GLU C 305 -10.52 0.77 -28.53
C GLU C 305 -11.18 0.08 -29.71
N LYS C 306 -12.46 0.40 -29.94
CA LYS C 306 -13.22 -0.18 -31.03
C LYS C 306 -12.82 0.40 -32.39
N PRO C 307 -13.34 -0.19 -33.49
CA PRO C 307 -13.05 0.29 -34.84
C PRO C 307 -13.94 1.44 -35.28
N ASN C 308 -15.08 1.64 -34.62
CA ASN C 308 -15.98 2.72 -34.98
C ASN C 308 -15.64 3.99 -34.21
N TYR C 309 -14.44 4.03 -33.63
CA TYR C 309 -14.01 5.16 -32.82
C TYR C 309 -14.20 6.52 -33.47
N LYS C 310 -13.45 6.77 -34.54
CA LYS C 310 -13.54 8.03 -35.24
C LYS C 310 -14.98 8.42 -35.61
N LYS C 311 -15.77 7.48 -36.12
CA LYS C 311 -17.14 7.80 -36.51
C LYS C 311 -17.97 8.19 -35.27
N ARG C 312 -17.71 7.51 -34.16
CA ARG C 312 -18.41 7.75 -32.90
C ARG C 312 -18.07 9.15 -32.35
N LEU C 313 -16.79 9.52 -32.40
CA LEU C 313 -16.35 10.81 -31.90
C LEU C 313 -17.06 11.90 -32.69
N ASN C 314 -17.01 11.78 -34.02
CA ASN C 314 -17.65 12.74 -34.91
C ASN C 314 -19.16 12.79 -34.65
N GLU C 315 -19.74 11.69 -34.20
CA GLU C 315 -21.17 11.68 -33.90
C GLU C 315 -21.42 12.47 -32.63
N LEU C 316 -20.48 12.35 -31.69
CA LEU C 316 -20.53 13.03 -30.39
C LEU C 316 -20.48 14.54 -30.59
N ILE C 317 -19.41 15.01 -31.24
CA ILE C 317 -19.24 16.42 -31.50
C ILE C 317 -20.43 16.99 -32.28
N THR C 318 -20.90 16.25 -33.27
CA THR C 318 -22.04 16.71 -34.07
C THR C 318 -23.26 16.99 -33.20
N ASP C 319 -23.44 16.18 -32.16
CA ASP C 319 -24.58 16.37 -31.27
C ASP C 319 -24.28 17.59 -30.37
N ALA C 320 -23.00 17.79 -30.08
CA ALA C 320 -22.60 18.94 -29.26
C ALA C 320 -23.02 20.20 -30.07
N LEU C 321 -22.59 20.24 -31.34
CA LEU C 321 -22.90 21.34 -32.25
C LEU C 321 -24.41 21.59 -32.27
N ILE C 322 -25.19 20.52 -32.39
CA ILE C 322 -26.64 20.66 -32.44
C ILE C 322 -27.23 21.20 -31.14
N THR C 323 -26.73 20.74 -30.00
CA THR C 323 -27.26 21.22 -28.73
C THR C 323 -26.94 22.70 -28.52
N SER C 324 -25.79 23.16 -29.01
CA SER C 324 -25.42 24.55 -28.81
C SER C 324 -26.36 25.50 -29.51
N LYS C 325 -27.11 25.00 -30.48
CA LYS C 325 -28.03 25.86 -31.20
C LYS C 325 -29.10 26.41 -30.26
N LYS C 326 -29.46 25.67 -29.21
CA LYS C 326 -30.48 26.19 -28.31
C LYS C 326 -29.96 27.20 -27.28
N PHE C 327 -28.66 27.49 -27.31
CA PHE C 327 -28.08 28.43 -26.36
C PHE C 327 -27.51 29.64 -27.07
N GLY C 328 -28.08 29.97 -28.23
CA GLY C 328 -27.66 31.11 -29.00
C GLY C 328 -26.26 31.10 -29.53
N VAL C 329 -25.66 29.92 -29.66
CA VAL C 329 -24.29 29.83 -30.15
C VAL C 329 -24.22 30.17 -31.66
N ASP C 330 -23.29 31.05 -32.03
CA ASP C 330 -23.13 31.44 -33.43
C ASP C 330 -21.92 30.73 -34.05
N VAL C 331 -20.89 30.47 -33.25
CA VAL C 331 -19.70 29.71 -33.67
C VAL C 331 -19.33 28.77 -32.53
N PHE C 332 -18.84 27.59 -32.88
CA PHE C 332 -18.43 26.61 -31.90
C PHE C 332 -16.93 26.50 -32.11
N ASN C 333 -16.14 26.81 -31.08
CA ASN C 333 -14.69 26.74 -31.21
C ASN C 333 -14.06 25.55 -30.45
N CYS C 334 -12.81 25.28 -30.78
CA CYS C 334 -12.03 24.24 -30.14
C CYS C 334 -10.63 24.41 -30.70
N LEU C 335 -9.64 23.79 -30.04
CA LEU C 335 -8.27 23.87 -30.49
C LEU C 335 -7.92 22.51 -31.14
N THR C 336 -6.67 22.31 -31.53
CA THR C 336 -6.28 21.04 -32.17
C THR C 336 -5.67 20.09 -31.15
N CYS C 337 -6.10 20.24 -29.91
CA CYS C 337 -5.63 19.41 -28.80
C CYS C 337 -6.49 18.13 -28.65
N GLN C 338 -6.16 17.31 -27.64
CA GLN C 338 -6.87 16.05 -27.41
C GLN C 338 -6.92 15.24 -28.73
N ASP C 339 -8.08 14.71 -29.10
CA ASP C 339 -8.22 13.94 -30.35
C ASP C 339 -9.11 14.74 -31.29
N ASN C 340 -9.11 16.06 -31.10
CA ASN C 340 -9.95 16.96 -31.88
C ASN C 340 -9.75 16.87 -33.39
N THR C 341 -8.51 16.62 -33.82
CA THR C 341 -8.21 16.50 -35.23
C THR C 341 -8.91 15.32 -35.91
N TYR C 342 -9.57 14.47 -35.13
CA TYR C 342 -10.30 13.31 -35.65
C TYR C 342 -11.68 13.72 -36.14
N PHE C 343 -12.14 14.91 -35.74
CA PHE C 343 -13.46 15.35 -36.16
C PHE C 343 -13.51 16.71 -36.86
N LEU C 344 -12.39 17.43 -36.91
CA LEU C 344 -12.39 18.75 -37.52
C LEU C 344 -12.92 18.72 -38.96
N LYS C 345 -12.38 17.82 -39.78
CA LYS C 345 -12.78 17.74 -41.17
C LYS C 345 -14.24 17.35 -41.44
N ASP C 346 -14.69 16.25 -40.86
CA ASP C 346 -16.07 15.85 -41.12
C ASP C 346 -17.08 16.75 -40.47
N CYS C 347 -16.69 17.39 -39.38
CA CYS C 347 -17.64 18.26 -38.67
C CYS C 347 -17.62 19.70 -39.19
N LYS C 348 -16.73 19.98 -40.16
CA LYS C 348 -16.63 21.29 -40.79
C LYS C 348 -15.98 22.41 -40.00
N PHE C 349 -14.95 22.08 -39.25
CA PHE C 349 -14.25 23.09 -38.47
C PHE C 349 -13.15 23.63 -39.38
N GLY C 350 -13.06 24.95 -39.47
CA GLY C 350 -12.02 25.54 -40.30
C GLY C 350 -10.91 26.07 -39.40
N SER C 351 -9.68 26.04 -39.90
CA SER C 351 -8.54 26.56 -39.14
C SER C 351 -8.64 28.08 -39.00
N GLY C 352 -8.27 28.60 -37.84
CA GLY C 352 -8.32 30.03 -37.63
C GLY C 352 -6.90 30.57 -37.66
N ASP C 353 -6.73 31.87 -37.46
CA ASP C 353 -5.40 32.47 -37.47
C ASP C 353 -4.75 32.33 -36.11
N GLY C 354 -5.57 32.16 -35.09
CA GLY C 354 -5.06 32.03 -33.73
C GLY C 354 -4.37 30.71 -33.38
N PHE C 355 -3.36 30.82 -32.52
CA PHE C 355 -2.60 29.67 -32.04
C PHE C 355 -2.47 29.85 -30.54
N LEU C 356 -2.30 28.75 -29.82
CA LEU C 356 -2.16 28.85 -28.39
C LEU C 356 -0.90 28.10 -27.99
N ASN C 357 -0.09 28.74 -27.14
CA ASN C 357 1.14 28.13 -26.65
C ASN C 357 0.90 27.75 -25.19
N TYR C 358 1.48 26.64 -24.76
CA TYR C 358 1.33 26.18 -23.38
C TYR C 358 2.68 26.22 -22.72
N TYR C 359 2.71 26.73 -21.50
CA TYR C 359 3.96 26.79 -20.77
C TYR C 359 3.77 26.19 -19.39
N LEU C 360 4.69 25.30 -19.02
CA LEU C 360 4.66 24.71 -17.69
C LEU C 360 5.91 25.24 -17.04
N PHE C 361 5.77 26.34 -16.30
CA PHE C 361 6.92 26.95 -15.63
C PHE C 361 7.53 26.00 -14.62
N ASN C 362 8.86 26.03 -14.56
CA ASN C 362 9.64 25.21 -13.63
C ASN C 362 9.45 23.70 -13.84
N TYR C 363 9.47 23.26 -15.10
CA TYR C 363 9.33 21.84 -15.39
C TYR C 363 9.66 21.48 -16.83
N ARG C 364 10.61 20.57 -17.00
CA ARG C 364 11.02 20.13 -18.33
C ARG C 364 10.22 18.91 -18.70
N THR C 365 9.72 18.88 -19.93
CA THR C 365 8.92 17.76 -20.40
C THR C 365 9.33 17.42 -21.81
N PHE C 366 9.07 16.19 -22.22
CA PHE C 366 9.41 15.77 -23.57
C PHE C 366 8.50 16.54 -24.50
N PRO C 367 8.92 16.67 -25.77
CA PRO C 367 8.11 17.38 -26.76
C PRO C 367 6.73 16.76 -26.82
N MET C 368 5.74 17.53 -27.27
CA MET C 368 4.36 17.03 -27.37
C MET C 368 3.78 17.44 -28.70
N ASP C 369 2.86 16.64 -29.20
CA ASP C 369 2.20 16.95 -30.45
C ASP C 369 1.20 18.05 -30.17
N GLY C 370 1.05 18.96 -31.13
CA GLY C 370 0.09 20.03 -30.98
C GLY C 370 -1.11 19.90 -31.92
N GLY C 371 -1.17 18.82 -32.70
CA GLY C 371 -2.29 18.65 -33.62
C GLY C 371 -2.08 19.33 -34.97
N ILE C 372 -0.89 19.89 -35.15
CA ILE C 372 -0.54 20.56 -36.39
C ILE C 372 0.89 20.22 -36.77
N ASP C 373 1.19 20.33 -38.07
CA ASP C 373 2.51 20.06 -38.58
C ASP C 373 3.50 21.11 -38.05
N LYS C 374 4.62 20.63 -37.51
CA LYS C 374 5.66 21.49 -36.93
C LYS C 374 6.15 22.68 -37.76
N LYS C 375 6.08 22.57 -39.08
CA LYS C 375 6.55 23.65 -39.96
C LYS C 375 5.45 24.33 -40.77
N THR C 376 4.48 23.55 -41.25
CA THR C 376 3.39 24.16 -42.01
C THR C 376 2.33 24.75 -41.07
N LYS C 377 2.31 24.29 -39.83
CA LYS C 377 1.33 24.74 -38.82
C LYS C 377 -0.08 24.40 -39.28
N GLU C 378 -0.18 23.47 -40.21
CA GLU C 378 -1.48 23.05 -40.71
C GLU C 378 -1.97 21.84 -39.91
N VAL C 379 -3.29 21.70 -39.86
CA VAL C 379 -3.91 20.61 -39.13
C VAL C 379 -3.45 19.29 -39.66
N VAL C 380 -3.12 18.38 -38.76
CA VAL C 380 -2.72 17.03 -39.14
C VAL C 380 -3.89 16.16 -38.70
N GLU C 381 -4.66 15.65 -39.66
CA GLU C 381 -5.82 14.81 -39.39
C GLU C 381 -5.61 13.57 -38.53
N ASP C 382 -6.70 13.17 -37.88
CA ASP C 382 -6.76 11.99 -37.03
C ASP C 382 -5.49 11.66 -36.24
N GLN C 383 -4.95 12.67 -35.55
CA GLN C 383 -3.76 12.49 -34.74
C GLN C 383 -4.04 12.86 -33.29
N THR C 384 -3.53 12.06 -32.35
CA THR C 384 -3.74 12.35 -30.94
C THR C 384 -2.71 13.37 -30.48
N SER C 385 -3.17 14.47 -29.89
CA SER C 385 -2.24 15.49 -29.42
C SER C 385 -1.82 15.14 -28.01
N GLY C 386 -0.63 15.57 -27.64
CA GLY C 386 -0.14 15.31 -26.30
C GLY C 386 -0.85 16.18 -25.28
N ILE C 387 -1.55 17.21 -25.76
CA ILE C 387 -2.26 18.10 -24.85
C ILE C 387 -3.63 17.52 -24.56
N GLY C 388 -3.84 17.18 -23.29
CA GLY C 388 -5.08 16.60 -22.84
C GLY C 388 -5.81 17.48 -21.84
N VAL C 389 -5.32 18.71 -21.65
CA VAL C 389 -5.95 19.68 -20.75
C VAL C 389 -6.53 20.83 -21.55
N VAL C 390 -7.63 21.38 -21.07
CA VAL C 390 -8.26 22.53 -21.71
C VAL C 390 -8.25 23.64 -20.66
N LEU C 391 -7.79 24.81 -21.04
CA LEU C 391 -7.73 25.96 -20.13
C LEU C 391 -8.76 26.94 -20.60
N LEU C 392 -9.53 27.50 -19.67
CA LEU C 392 -10.57 28.44 -20.06
C LEU C 392 -10.00 29.76 -20.58
C1 GOL D . 20.82 -20.25 18.58
O1 GOL D . 21.78 -20.83 19.42
C2 GOL D . 19.53 -21.05 18.44
O2 GOL D . 19.20 -21.62 19.71
C3 GOL D . 19.56 -22.13 17.33
O3 GOL D . 19.40 -23.48 17.71
C1 GOL E . 22.53 -15.95 15.86
O1 GOL E . 21.50 -15.72 14.90
C2 GOL E . 22.39 -17.20 16.72
O2 GOL E . 21.10 -17.18 17.37
C3 GOL E . 23.49 -17.40 17.74
O3 GOL E . 23.08 -17.94 18.98
C1 GOL F . 29.10 -34.33 -2.37
O1 GOL F . 28.85 -33.80 -3.67
C2 GOL F . 27.90 -34.99 -1.70
O2 GOL F . 26.87 -35.18 -2.66
C3 GOL F . 27.36 -34.22 -0.45
O3 GOL F . 26.14 -34.72 0.10
C1 GOL G . 26.92 -22.85 8.25
O1 GOL G . 28.30 -23.09 8.39
C2 GOL G . 26.04 -23.46 9.33
O2 GOL G . 26.12 -22.65 10.55
C3 GOL G . 26.38 -24.92 9.59
O3 GOL G . 26.79 -25.27 10.90
C1 GOL H . 17.78 -20.10 14.86
O1 GOL H . 18.62 -20.92 14.04
C2 GOL H . 18.50 -18.95 15.60
O2 GOL H . 17.57 -17.85 15.86
C3 GOL H . 19.79 -18.45 14.90
O3 GOL H . 19.65 -17.67 13.70
C1 GOL I . 28.33 -1.23 1.79
O1 GOL I . 29.36 -0.32 2.16
C2 GOL I . 28.08 -1.45 0.28
O2 GOL I . 29.21 -2.09 -0.32
C3 GOL I . 27.69 -0.19 -0.51
O3 GOL I . 28.63 0.87 -0.53
C1 GOL J . 9.70 -17.12 2.79
O1 GOL J . 8.59 -16.22 2.72
C2 GOL J . 10.46 -17.36 1.49
O2 GOL J . 11.32 -16.26 1.21
C3 GOL J . 9.57 -17.62 0.26
O3 GOL J . 9.07 -16.45 -0.39
C1 GOL K . 16.05 -36.68 -1.28
O1 GOL K . 15.00 -37.65 -1.39
C2 GOL K . 17.49 -37.22 -1.36
O2 GOL K . 17.87 -37.39 -2.74
C3 GOL K . 17.75 -38.52 -0.58
O3 GOL K . 17.33 -39.72 -1.22
C1 GOL L . 34.41 -26.72 27.24
O1 GOL L . 35.82 -26.52 27.16
C2 GOL L . 33.69 -26.13 28.47
O2 GOL L . 33.96 -24.74 28.57
C3 GOL L . 34.03 -26.83 29.82
O3 GOL L . 35.37 -27.29 29.94
C1 GOL M . -12.70 4.26 8.86
O1 GOL M . -12.35 5.09 7.77
C2 GOL M . -13.57 3.06 8.52
O2 GOL M . -14.39 3.37 7.39
C3 GOL M . -14.44 2.56 9.71
O3 GOL M . -15.71 3.20 9.85
C1 GOL N . -16.37 1.07 6.85
O1 GOL N . -16.90 0.66 8.10
C2 GOL N . -16.77 0.21 5.64
O2 GOL N . -18.18 0.06 5.65
C3 GOL N . -16.08 -1.16 5.57
O3 GOL N . -16.11 -1.82 4.29
C1 GOL O . 4.06 5.26 19.70
O1 GOL O . 4.98 5.85 18.79
C2 GOL O . 2.69 5.94 19.85
O2 GOL O . 2.83 7.38 19.87
C3 GOL O . 1.86 5.49 21.08
O3 GOL O . 2.59 5.10 22.23
C1 GOL P . 4.00 17.51 12.69
O1 GOL P . 4.01 17.55 14.13
C2 GOL P . 4.99 16.53 12.00
O2 GOL P . 5.21 15.37 12.80
C3 GOL P . 6.34 17.15 11.56
O3 GOL P . 7.05 17.93 12.53
C1 GOL Q . -6.99 -5.71 8.46
O1 GOL Q . -8.39 -5.49 8.49
C2 GOL Q . -6.11 -4.45 8.46
O2 GOL Q . -5.50 -4.29 9.76
C3 GOL Q . -6.82 -3.15 8.04
O3 GOL Q . -7.47 -2.41 9.08
C1 GOL R . -8.68 33.88 -18.80
O1 GOL R . -7.28 34.00 -18.93
C2 GOL R . -9.46 33.61 -20.11
O2 GOL R . -8.77 34.22 -21.23
C3 GOL R . -10.93 34.06 -20.08
O3 GOL R . -11.52 34.32 -21.34
C1 GOL S . -10.04 32.48 -23.52
O1 GOL S . -11.37 32.00 -23.59
C2 GOL S . -9.16 32.11 -24.72
O2 GOL S . -9.70 32.71 -25.90
C3 GOL S . -8.92 30.58 -24.91
O3 GOL S . -10.07 29.72 -25.03
C1 GOL T . -10.04 23.54 -14.69
O1 GOL T . -8.99 24.13 -13.94
C2 GOL T . -10.25 24.10 -16.12
O2 GOL T . -9.31 23.48 -17.01
C3 GOL T . -10.18 25.64 -16.22
O3 GOL T . -8.90 26.20 -16.54
C1 GOL U . 0.79 39.81 0.12
O1 GOL U . -0.12 40.33 1.10
C2 GOL U . 1.47 38.45 0.44
O2 GOL U . 0.53 37.57 1.11
C3 GOL U . 2.78 38.54 1.25
O3 GOL U . 2.87 39.54 2.27
#